data_5QCV
#
_entry.id   5QCV
#
_cell.length_a   82.485
_cell.length_b   104.384
_cell.length_c   99.932
_cell.angle_alpha   90.00
_cell.angle_beta   104.08
_cell.angle_gamma   90.00
#
_symmetry.space_group_name_H-M   'P 1 21 1'
#
loop_
_entity.id
_entity.type
_entity.pdbx_description
1 polymer 'Beta-secretase 1'
2 non-polymer (10S,13S)-13-[(1R)-1-hydroxy-2-({[3-(propan-2-yl)phenyl]methyl}amino)ethyl]-9,10-dimethyl-2-oxa-9,12-diazabicyclo[13.3.1]nonadeca-1(19),15,17-triene-8,11-dione
3 water water
#
_entity_poly.entity_id   1
_entity_poly.type   'polypeptide(L)'
_entity_poly.pdbx_seq_one_letter_code
;GPDEEPEEPGRRGSFVEMVDNLRGKSGQGYYVEMTVGSPPQTLNILVDTGSSNFAVGAAPHPFLHRYYQRQLSSTYRDLR
KGVYVPYTQGKWEGELGTDLVSIPHGPNVTVRANIAAITESDKFFINGSNWEGILGLAYAEIARPDDSLEPFFDSLVKQT
HVPNLFSLQLCGAGFPLNQSEVLASVGGSMIIGGIDHSLYTGSLWYTPIRREWYYEVIIVRVEINGQDLKMDCKEYNYDK
SIVDSGTTNLRLPKKVFEAAVKSIKAASSTEKFPDGFWLGEQLVCWQAGTTPWNIFPVISLYLMGEVTNQSFRITILPQQ
YLRPVEDVATSQDDCYKFAISQSSTGTVMGAVIMEGFYVVFDRARKRIGFAVSACHVHDEFRTAAVEGPFVTLDMEDCGY
NI
;
_entity_poly.pdbx_strand_id   A,B,C
#
loop_
_chem_comp.id
_chem_comp.type
_chem_comp.name
_chem_comp.formula
E5A non-polymer (10S,13S)-13-[(1R)-1-hydroxy-2-({[3-(propan-2-yl)phenyl]methyl}amino)ethyl]-9,10-dimethyl-2-oxa-9,12-diazabicyclo[13.3.1]nonadeca-1(19),15,17-triene-8,11-dione 'C30 H43 N3 O4'
#
# COMPACT_ATOMS: atom_id res chain seq x y z
N SER A 14 -27.67 -1.26 -27.01
CA SER A 14 -28.66 -1.78 -26.06
C SER A 14 -28.15 -1.83 -24.60
N PHE A 15 -27.13 -1.03 -24.26
CA PHE A 15 -26.63 -1.02 -22.88
C PHE A 15 -27.56 -0.27 -21.93
N VAL A 16 -28.54 0.48 -22.44
CA VAL A 16 -29.47 1.21 -21.58
C VAL A 16 -30.23 0.24 -20.69
N GLU A 17 -30.40 -1.01 -21.15
CA GLU A 17 -31.11 -2.04 -20.39
C GLU A 17 -30.36 -2.44 -19.13
N MET A 18 -29.08 -2.13 -19.04
CA MET A 18 -28.28 -2.48 -17.89
C MET A 18 -28.01 -1.28 -16.98
N VAL A 19 -28.34 -0.08 -17.41
CA VAL A 19 -28.14 1.08 -16.54
C VAL A 19 -29.01 0.90 -15.31
N ASP A 20 -28.42 1.16 -14.13
CA ASP A 20 -29.13 1.09 -12.84
C ASP A 20 -29.58 -0.32 -12.51
N ASN A 21 -28.85 -1.35 -12.96
CA ASN A 21 -29.22 -2.72 -12.64
C ASN A 21 -28.61 -3.20 -11.31
N LEU A 22 -27.91 -2.33 -10.59
CA LEU A 22 -27.31 -2.69 -9.30
C LEU A 22 -28.01 -1.95 -8.17
N ARG A 23 -28.18 -2.64 -7.05
CA ARG A 23 -28.74 -2.07 -5.83
C ARG A 23 -27.88 -2.53 -4.67
N GLY A 24 -28.21 -2.07 -3.48
CA GLY A 24 -27.51 -2.51 -2.28
C GLY A 24 -27.80 -1.61 -1.11
N LYS A 25 -27.29 -2.02 0.05
CA LYS A 25 -27.29 -1.21 1.26
C LYS A 25 -25.86 -0.81 1.56
N SER A 26 -25.69 0.41 2.10
CA SER A 26 -24.35 0.93 2.38
C SER A 26 -23.52 -0.06 3.19
N GLY A 27 -22.34 -0.40 2.67
CA GLY A 27 -21.43 -1.31 3.33
C GLY A 27 -21.81 -2.78 3.26
N GLN A 28 -22.88 -3.14 2.57
CA GLN A 28 -23.31 -4.53 2.45
C GLN A 28 -23.18 -5.07 1.02
N GLY A 29 -22.46 -4.37 0.16
CA GLY A 29 -22.16 -4.84 -1.19
C GLY A 29 -23.20 -4.43 -2.22
N TYR A 30 -22.79 -4.45 -3.48
CA TYR A 30 -23.67 -4.17 -4.62
C TYR A 30 -24.08 -5.47 -5.26
N TYR A 31 -25.37 -5.60 -5.59
CA TYR A 31 -25.85 -6.86 -6.16
C TYR A 31 -26.69 -6.62 -7.40
N VAL A 32 -26.70 -7.63 -8.26
CA VAL A 32 -27.45 -7.64 -9.50
C VAL A 32 -28.40 -8.81 -9.43
N GLU A 33 -29.54 -8.68 -10.10
CA GLU A 33 -30.52 -9.75 -10.14
C GLU A 33 -30.15 -10.79 -11.18
N MET A 34 -30.27 -12.07 -10.82
CA MET A 34 -29.95 -13.16 -11.72
C MET A 34 -31.02 -14.26 -11.60
N THR A 35 -31.04 -15.16 -12.57
CA THR A 35 -31.88 -16.33 -12.52
C THR A 35 -30.99 -17.53 -12.80
N VAL A 36 -31.27 -18.64 -12.09
CA VAL A 36 -30.58 -19.90 -12.27
C VAL A 36 -31.64 -20.99 -12.36
N GLY A 37 -31.39 -21.99 -13.23
CA GLY A 37 -32.23 -23.16 -13.32
C GLY A 37 -33.39 -23.01 -14.28
N SER A 38 -34.10 -24.13 -14.46
CA SER A 38 -35.28 -24.20 -15.31
C SER A 38 -36.38 -24.91 -14.54
N PRO A 39 -37.51 -24.25 -14.23
CA PRO A 39 -37.85 -22.84 -14.49
C PRO A 39 -36.95 -21.87 -13.71
N PRO A 40 -36.78 -20.65 -14.22
CA PRO A 40 -35.82 -19.71 -13.62
C PRO A 40 -36.15 -19.39 -12.17
N GLN A 41 -35.15 -19.49 -11.31
CA GLN A 41 -35.24 -19.09 -9.91
C GLN A 41 -34.50 -17.78 -9.73
N THR A 42 -35.20 -16.75 -9.24
CA THR A 42 -34.63 -15.42 -9.13
C THR A 42 -33.85 -15.26 -7.82
N LEU A 43 -32.63 -14.75 -7.93
CA LEU A 43 -31.78 -14.48 -6.78
C LEU A 43 -30.99 -13.21 -7.01
N ASN A 44 -30.72 -12.50 -5.92
CA ASN A 44 -29.84 -11.33 -5.94
C ASN A 44 -28.42 -11.77 -5.63
N ILE A 45 -27.48 -11.35 -6.50
CA ILE A 45 -26.11 -11.84 -6.50
C ILE A 45 -25.14 -10.68 -6.34
N LEU A 46 -24.25 -10.79 -5.34
CA LEU A 46 -23.22 -9.79 -5.10
C LEU A 46 -22.19 -9.76 -6.23
N VAL A 47 -21.83 -8.55 -6.65
CA VAL A 47 -20.92 -8.32 -7.76
C VAL A 47 -19.52 -8.17 -7.17
N ASP A 48 -18.64 -9.15 -7.42
CA ASP A 48 -17.34 -9.22 -6.74
C ASP A 48 -16.18 -9.37 -7.74
N THR A 49 -15.48 -8.27 -8.05
CA THR A 49 -14.30 -8.40 -8.90
C THR A 49 -13.08 -8.90 -8.12
N GLY A 50 -13.22 -9.19 -6.83
CA GLY A 50 -12.12 -9.68 -6.04
C GLY A 50 -12.05 -11.19 -5.87
N SER A 51 -12.88 -11.96 -6.58
CA SER A 51 -12.83 -13.41 -6.52
C SER A 51 -13.37 -13.95 -7.84
N SER A 52 -13.39 -15.28 -7.98
CA SER A 52 -13.71 -15.91 -9.27
C SER A 52 -14.71 -17.05 -9.18
N ASN A 53 -15.40 -17.22 -8.07
CA ASN A 53 -16.41 -18.27 -7.92
C ASN A 53 -17.80 -17.67 -7.97
N PHE A 54 -18.68 -18.32 -8.74
CA PHE A 54 -20.10 -18.02 -8.73
C PHE A 54 -20.73 -19.00 -7.74
N ALA A 55 -21.31 -18.49 -6.65
CA ALA A 55 -21.90 -19.32 -5.61
C ALA A 55 -23.18 -18.69 -5.10
N VAL A 56 -24.15 -19.53 -4.74
CA VAL A 56 -25.44 -19.07 -4.23
C VAL A 56 -25.85 -19.90 -3.03
N GLY A 57 -26.58 -19.27 -2.11
CA GLY A 57 -27.19 -20.04 -1.04
C GLY A 57 -28.06 -21.15 -1.62
N ALA A 58 -27.89 -22.38 -1.13
CA ALA A 58 -28.65 -23.52 -1.63
C ALA A 58 -29.21 -24.37 -0.49
N ALA A 59 -29.23 -23.83 0.72
CA ALA A 59 -29.72 -24.50 1.90
C ALA A 59 -30.21 -23.44 2.87
N PRO A 60 -31.18 -23.75 3.73
CA PRO A 60 -31.71 -22.74 4.66
C PRO A 60 -30.61 -22.05 5.46
N HIS A 61 -30.84 -20.77 5.76
CA HIS A 61 -29.91 -20.02 6.58
C HIS A 61 -30.70 -18.89 7.22
N PRO A 62 -30.40 -18.54 8.48
CA PRO A 62 -31.19 -17.48 9.15
C PRO A 62 -31.28 -16.18 8.37
N PHE A 63 -30.22 -15.78 7.66
CA PHE A 63 -30.18 -14.50 6.96
C PHE A 63 -30.64 -14.61 5.50
N LEU A 64 -31.08 -15.79 5.05
CA LEU A 64 -31.53 -15.99 3.68
C LEU A 64 -33.04 -16.01 3.62
N HIS A 65 -33.60 -15.18 2.73
CA HIS A 65 -35.04 -15.16 2.48
C HIS A 65 -35.43 -16.11 1.36
N ARG A 66 -34.46 -16.57 0.57
CA ARG A 66 -34.66 -17.54 -0.49
C ARG A 66 -33.31 -18.16 -0.81
N TYR A 67 -33.35 -19.28 -1.53
CA TYR A 67 -32.12 -19.95 -1.91
C TYR A 67 -32.38 -20.83 -3.13
N TYR A 68 -31.28 -21.23 -3.77
CA TYR A 68 -31.32 -22.08 -4.96
C TYR A 68 -31.76 -23.49 -4.58
N GLN A 69 -32.83 -23.96 -5.22
CA GLN A 69 -33.38 -25.30 -4.96
C GLN A 69 -33.09 -26.17 -6.18
N ARG A 70 -31.96 -26.89 -6.12
CA ARG A 70 -31.52 -27.70 -7.24
C ARG A 70 -32.55 -28.74 -7.64
N GLN A 71 -33.30 -29.26 -6.65
CA GLN A 71 -34.29 -30.30 -6.92
C GLN A 71 -35.38 -29.80 -7.86
N LEU A 72 -35.66 -28.50 -7.84
CA LEU A 72 -36.72 -27.90 -8.66
C LEU A 72 -36.26 -27.45 -10.03
N SER A 73 -35.00 -27.67 -10.39
CA SER A 73 -34.47 -27.22 -11.68
C SER A 73 -34.25 -28.45 -12.55
N SER A 74 -34.93 -28.49 -13.71
CA SER A 74 -34.78 -29.61 -14.61
C SER A 74 -33.47 -29.57 -15.39
N THR A 75 -32.75 -28.46 -15.36
CA THR A 75 -31.48 -28.34 -16.05
C THR A 75 -30.28 -28.48 -15.12
N TYR A 76 -30.51 -28.69 -13.83
CA TYR A 76 -29.40 -28.82 -12.89
C TYR A 76 -28.59 -30.08 -13.19
N ARG A 77 -27.27 -29.95 -13.14
CA ARG A 77 -26.36 -31.07 -13.27
C ARG A 77 -25.37 -31.05 -12.11
N ASP A 78 -25.30 -32.16 -11.38
CA ASP A 78 -24.36 -32.30 -10.29
C ASP A 78 -22.98 -32.64 -10.83
N LEU A 79 -21.95 -31.97 -10.30
CA LEU A 79 -20.58 -32.26 -10.69
C LEU A 79 -19.87 -33.22 -9.75
N ARG A 80 -20.51 -33.63 -8.65
CA ARG A 80 -19.96 -34.63 -7.74
C ARG A 80 -18.57 -34.22 -7.25
N LYS A 81 -18.47 -32.95 -6.83
CA LYS A 81 -17.22 -32.37 -6.36
C LYS A 81 -17.54 -31.29 -5.34
N GLY A 82 -16.85 -31.32 -4.19
CA GLY A 82 -17.02 -30.27 -3.20
C GLY A 82 -16.20 -29.04 -3.49
N VAL A 83 -16.47 -27.97 -2.74
CA VAL A 83 -15.77 -26.71 -2.92
C VAL A 83 -15.94 -25.88 -1.65
N TYR A 84 -14.91 -25.10 -1.31
CA TYR A 84 -14.98 -24.10 -0.24
C TYR A 84 -14.14 -22.88 -0.64
N VAL A 85 -14.56 -21.69 -0.20
CA VAL A 85 -13.83 -20.47 -0.50
C VAL A 85 -13.61 -19.70 0.81
N PRO A 86 -12.35 -19.47 1.22
CA PRO A 86 -12.08 -18.56 2.35
C PRO A 86 -11.76 -17.15 1.86
N TYR A 87 -12.57 -16.16 2.23
CA TYR A 87 -12.30 -14.78 1.87
C TYR A 87 -11.43 -14.14 2.95
N THR A 88 -11.14 -12.85 2.79
CA THR A 88 -10.46 -12.13 3.86
C THR A 88 -11.30 -12.15 5.12
N GLN A 89 -12.61 -12.00 4.97
CA GLN A 89 -13.55 -12.15 6.07
C GLN A 89 -14.71 -12.97 5.54
N GLY A 90 -15.02 -14.08 6.20
CA GLY A 90 -16.12 -14.91 5.79
C GLY A 90 -15.67 -16.07 4.92
N LYS A 91 -16.46 -17.14 4.94
CA LYS A 91 -16.16 -18.32 4.12
C LYS A 91 -17.42 -19.15 3.98
N TRP A 92 -17.41 -20.03 2.98
CA TRP A 92 -18.52 -20.95 2.78
C TRP A 92 -17.98 -22.22 2.13
N GLU A 93 -18.78 -23.27 2.18
CA GLU A 93 -18.52 -24.52 1.48
C GLU A 93 -19.82 -24.99 0.84
N GLY A 94 -19.69 -25.85 -0.16
CA GLY A 94 -20.87 -26.34 -0.86
C GLY A 94 -20.53 -27.38 -1.89
N GLU A 95 -21.47 -27.59 -2.82
CA GLU A 95 -21.38 -28.65 -3.83
C GLU A 95 -21.34 -28.01 -5.21
N LEU A 96 -20.40 -28.43 -6.05
CA LEU A 96 -20.33 -27.92 -7.41
C LEU A 96 -21.36 -28.55 -8.33
N GLY A 97 -21.82 -27.76 -9.28
CA GLY A 97 -22.76 -28.21 -10.29
C GLY A 97 -22.83 -27.17 -11.38
N THR A 98 -23.65 -27.46 -12.40
CA THR A 98 -23.90 -26.52 -13.48
C THR A 98 -25.40 -26.32 -13.62
N ASP A 99 -25.76 -25.22 -14.25
CA ASP A 99 -27.15 -24.90 -14.52
C ASP A 99 -27.18 -23.69 -15.44
N LEU A 100 -28.36 -23.45 -16.02
CA LEU A 100 -28.59 -22.31 -16.91
C LEU A 100 -28.74 -21.04 -16.09
N VAL A 101 -28.09 -19.97 -16.54
CA VAL A 101 -28.05 -18.73 -15.79
C VAL A 101 -28.35 -17.57 -16.71
N SER A 102 -29.13 -16.60 -16.22
CA SER A 102 -29.43 -15.40 -16.98
C SER A 102 -29.36 -14.17 -16.07
N ILE A 103 -29.21 -13.02 -16.69
CA ILE A 103 -29.20 -11.73 -16.01
C ILE A 103 -30.34 -10.90 -16.57
N PRO A 104 -31.50 -10.85 -15.89
CA PRO A 104 -32.67 -10.13 -16.45
C PRO A 104 -32.35 -8.75 -16.99
N HIS A 105 -31.70 -7.89 -16.20
CA HIS A 105 -31.26 -6.57 -16.67
C HIS A 105 -29.81 -6.63 -17.13
N GLY A 106 -29.60 -7.51 -18.10
CA GLY A 106 -28.30 -7.73 -18.68
C GLY A 106 -28.43 -8.05 -20.15
N PRO A 107 -27.42 -8.71 -20.71
CA PRO A 107 -27.52 -9.15 -22.10
C PRO A 107 -28.67 -10.14 -22.23
N ASN A 108 -29.26 -10.20 -23.42
CA ASN A 108 -30.38 -11.11 -23.67
C ASN A 108 -29.82 -12.49 -24.04
N VAL A 109 -29.17 -13.14 -23.06
CA VAL A 109 -28.57 -14.45 -23.28
C VAL A 109 -28.71 -15.33 -22.04
N THR A 110 -28.60 -16.64 -22.28
CA THR A 110 -28.59 -17.66 -21.24
C THR A 110 -27.36 -18.53 -21.44
N VAL A 111 -26.64 -18.81 -20.37
CA VAL A 111 -25.44 -19.63 -20.46
C VAL A 111 -25.48 -20.73 -19.42
N ARG A 112 -24.80 -21.84 -19.73
CA ARG A 112 -24.58 -22.89 -18.75
C ARG A 112 -23.28 -22.55 -18.02
N ALA A 113 -23.37 -22.44 -16.70
CA ALA A 113 -22.25 -21.95 -15.92
C ALA A 113 -22.02 -22.82 -14.70
N ASN A 114 -20.79 -22.75 -14.19
CA ASN A 114 -20.50 -23.41 -12.94
C ASN A 114 -21.20 -22.67 -11.80
N ILE A 115 -21.75 -23.43 -10.87
CA ILE A 115 -22.41 -22.88 -9.68
C ILE A 115 -22.02 -23.70 -8.47
N ALA A 116 -21.53 -23.03 -7.43
CA ALA A 116 -21.29 -23.67 -6.15
C ALA A 116 -22.55 -23.46 -5.31
N ALA A 117 -23.21 -24.57 -4.98
CA ALA A 117 -24.39 -24.55 -4.13
C ALA A 117 -23.94 -24.49 -2.68
N ILE A 118 -24.11 -23.33 -2.03
CA ILE A 118 -23.62 -23.13 -0.67
C ILE A 118 -24.51 -23.91 0.32
N THR A 119 -23.94 -24.90 0.98
CA THR A 119 -24.66 -25.69 1.97
C THR A 119 -24.31 -25.27 3.39
N GLU A 120 -23.16 -24.63 3.57
CA GLU A 120 -22.75 -24.23 4.90
C GLU A 120 -21.86 -23.00 4.73
N SER A 121 -21.93 -22.10 5.71
CA SER A 121 -21.21 -20.84 5.62
C SER A 121 -20.96 -20.34 7.03
N ASP A 122 -20.00 -19.42 7.14
CA ASP A 122 -19.56 -18.86 8.42
C ASP A 122 -19.26 -17.38 8.17
N LYS A 123 -20.06 -16.49 8.78
CA LYS A 123 -19.84 -15.05 8.71
C LYS A 123 -19.74 -14.55 7.26
N PHE A 124 -20.52 -15.19 6.37
CA PHE A 124 -20.52 -14.82 4.96
C PHE A 124 -21.76 -14.01 4.61
N PHE A 125 -22.94 -14.62 4.72
CA PHE A 125 -24.18 -13.90 4.47
C PHE A 125 -24.39 -12.84 5.55
N ILE A 126 -24.95 -11.71 5.14
CA ILE A 126 -25.17 -10.56 6.01
C ILE A 126 -26.66 -10.42 6.27
N ASN A 127 -27.03 -10.25 7.53
CA ASN A 127 -28.43 -10.14 7.89
C ASN A 127 -29.04 -8.87 7.28
N GLY A 128 -30.08 -9.05 6.48
CA GLY A 128 -30.74 -7.92 5.86
C GLY A 128 -29.96 -7.27 4.74
N SER A 129 -29.19 -8.05 3.98
CA SER A 129 -28.41 -7.51 2.87
C SER A 129 -29.18 -7.55 1.56
N ASN A 130 -30.15 -8.46 1.46
CA ASN A 130 -31.02 -8.68 0.32
C ASN A 130 -30.34 -9.45 -0.80
N TRP A 131 -29.12 -9.96 -0.60
CA TRP A 131 -28.52 -10.83 -1.61
C TRP A 131 -28.29 -12.22 -1.07
N GLU A 132 -28.30 -13.20 -1.97
CA GLU A 132 -28.24 -14.61 -1.62
C GLU A 132 -27.08 -15.36 -2.26
N GLY A 133 -26.22 -14.70 -3.02
CA GLY A 133 -25.10 -15.36 -3.66
C GLY A 133 -24.06 -14.33 -4.07
N ILE A 134 -22.99 -14.82 -4.72
CA ILE A 134 -21.87 -13.97 -5.07
C ILE A 134 -21.38 -14.35 -6.46
N LEU A 135 -21.04 -13.34 -7.26
CA LEU A 135 -20.57 -13.51 -8.63
C LEU A 135 -19.11 -13.04 -8.69
N GLY A 136 -18.18 -13.98 -8.63
CA GLY A 136 -16.77 -13.66 -8.74
C GLY A 136 -16.40 -13.38 -10.18
N LEU A 137 -15.95 -12.15 -10.46
CA LEU A 137 -15.73 -11.72 -11.84
C LEU A 137 -14.27 -11.74 -12.25
N ALA A 138 -13.37 -12.17 -11.35
CA ALA A 138 -11.94 -12.24 -11.65
C ALA A 138 -11.63 -13.55 -12.39
N TYR A 139 -10.35 -13.86 -12.56
CA TYR A 139 -9.92 -14.89 -13.50
C TYR A 139 -9.79 -16.27 -12.84
N ALA A 140 -9.77 -17.30 -13.71
CA ALA A 140 -9.75 -18.70 -13.27
C ALA A 140 -8.61 -19.02 -12.32
N GLU A 141 -7.51 -18.28 -12.43
CA GLU A 141 -6.31 -18.56 -11.64
C GLU A 141 -6.57 -18.53 -10.13
N ILE A 142 -7.57 -17.80 -9.66
CA ILE A 142 -7.87 -17.80 -8.24
C ILE A 142 -9.21 -18.49 -7.92
N ALA A 143 -9.77 -19.25 -8.86
CA ALA A 143 -10.99 -20.00 -8.58
C ALA A 143 -10.71 -21.19 -7.66
N ARG A 144 -11.71 -21.52 -6.83
CA ARG A 144 -11.60 -22.73 -6.03
C ARG A 144 -12.49 -23.81 -6.65
N PRO A 145 -12.13 -25.10 -6.54
CA PRO A 145 -10.95 -25.62 -5.85
C PRO A 145 -9.64 -25.39 -6.60
N ASP A 146 -9.71 -25.13 -7.90
CA ASP A 146 -8.53 -24.88 -8.71
C ASP A 146 -8.98 -24.20 -10.00
N ASP A 147 -8.00 -23.84 -10.84
CA ASP A 147 -8.25 -23.05 -12.06
C ASP A 147 -8.95 -23.83 -13.17
N SER A 148 -9.31 -25.09 -12.95
CA SER A 148 -10.08 -25.78 -13.98
C SER A 148 -11.56 -25.46 -13.89
N LEU A 149 -12.02 -24.87 -12.78
CA LEU A 149 -13.42 -24.47 -12.64
C LEU A 149 -13.59 -23.10 -13.30
N GLU A 150 -14.09 -23.10 -14.53
CA GLU A 150 -14.25 -21.89 -15.34
C GLU A 150 -15.17 -20.86 -14.67
N PRO A 151 -14.73 -19.61 -14.48
CA PRO A 151 -15.59 -18.60 -13.88
C PRO A 151 -16.75 -18.20 -14.79
N PHE A 152 -17.77 -17.59 -14.17
CA PHE A 152 -19.00 -17.24 -14.89
C PHE A 152 -18.71 -16.42 -16.15
N PHE A 153 -17.94 -15.35 -16.01
CA PHE A 153 -17.75 -14.45 -17.15
C PHE A 153 -17.01 -15.14 -18.29
N ASP A 154 -16.06 -16.02 -17.99
CA ASP A 154 -15.41 -16.77 -19.07
C ASP A 154 -16.42 -17.62 -19.84
N SER A 155 -17.34 -18.27 -19.13
CA SER A 155 -18.38 -19.07 -19.79
C SER A 155 -19.30 -18.20 -20.65
N LEU A 156 -19.72 -17.05 -20.12
CA LEU A 156 -20.57 -16.14 -20.89
C LEU A 156 -19.90 -15.74 -22.20
N VAL A 157 -18.63 -15.35 -22.15
CA VAL A 157 -17.93 -14.91 -23.35
C VAL A 157 -17.74 -16.07 -24.31
N LYS A 158 -17.44 -17.26 -23.79
CA LYS A 158 -17.17 -18.37 -24.68
C LYS A 158 -18.46 -18.88 -25.34
N GLN A 159 -19.60 -18.81 -24.64
CA GLN A 159 -20.85 -19.35 -25.16
C GLN A 159 -21.72 -18.33 -25.91
N THR A 160 -21.45 -17.03 -25.79
CA THR A 160 -22.26 -16.02 -26.48
C THR A 160 -21.37 -15.07 -27.27
N HIS A 161 -21.95 -14.01 -27.82
CA HIS A 161 -21.19 -13.01 -28.54
C HIS A 161 -20.93 -11.75 -27.70
N VAL A 162 -21.19 -11.82 -26.40
CA VAL A 162 -20.90 -10.72 -25.49
C VAL A 162 -19.41 -10.41 -25.57
N PRO A 163 -19.01 -9.18 -25.90
CA PRO A 163 -17.58 -8.85 -25.90
C PRO A 163 -16.94 -9.05 -24.54
N ASN A 164 -15.62 -9.27 -24.56
CA ASN A 164 -14.87 -9.67 -23.37
C ASN A 164 -14.47 -8.43 -22.56
N LEU A 165 -15.47 -7.77 -22.00
CA LEU A 165 -15.25 -6.67 -21.06
C LEU A 165 -16.57 -6.31 -20.41
N PHE A 166 -16.45 -5.65 -19.25
CA PHE A 166 -17.60 -5.16 -18.51
C PHE A 166 -17.16 -3.90 -17.79
N SER A 167 -18.12 -3.08 -17.39
CA SER A 167 -17.80 -1.85 -16.70
C SER A 167 -18.71 -1.70 -15.51
N LEU A 168 -18.18 -1.07 -14.45
CA LEU A 168 -18.92 -0.90 -13.20
C LEU A 168 -19.03 0.57 -12.85
N GLN A 169 -20.24 1.01 -12.59
CA GLN A 169 -20.51 2.35 -12.09
C GLN A 169 -21.14 2.17 -10.70
N LEU A 170 -20.32 2.26 -9.67
CA LEU A 170 -20.81 2.13 -8.29
C LEU A 170 -21.07 3.52 -7.75
N CYS A 171 -22.31 3.75 -7.31
CA CYS A 171 -22.76 5.04 -6.82
C CYS A 171 -22.98 5.03 -5.31
N GLY A 172 -22.64 6.12 -4.64
CA GLY A 172 -22.87 6.27 -3.22
C GLY A 172 -24.34 6.52 -2.95
N ALA A 173 -24.63 7.19 -1.85
CA ALA A 173 -26.01 7.51 -1.50
C ALA A 173 -26.45 8.85 -2.08
N SER A 185 -30.53 1.92 -0.59
CA SER A 185 -29.86 3.19 -0.31
C SER A 185 -28.63 3.43 -1.21
N VAL A 186 -28.11 2.39 -1.89
CA VAL A 186 -27.09 2.60 -2.92
C VAL A 186 -27.53 1.90 -4.20
N GLY A 187 -26.97 2.38 -5.32
CA GLY A 187 -27.27 1.81 -6.62
C GLY A 187 -26.06 1.92 -7.54
N GLY A 188 -26.24 1.45 -8.77
CA GLY A 188 -25.18 1.55 -9.74
C GLY A 188 -25.52 0.75 -10.99
N SER A 189 -24.55 0.62 -11.88
CA SER A 189 -24.75 -0.12 -13.11
C SER A 189 -23.58 -1.07 -13.35
N MET A 190 -23.90 -2.27 -13.83
CA MET A 190 -22.90 -3.18 -14.38
C MET A 190 -23.23 -3.37 -15.85
N ILE A 191 -22.44 -2.76 -16.73
CA ILE A 191 -22.61 -2.89 -18.17
C ILE A 191 -21.85 -4.12 -18.63
N ILE A 192 -22.56 -5.20 -18.96
CA ILE A 192 -21.93 -6.43 -19.42
C ILE A 192 -21.71 -6.32 -20.91
N GLY A 193 -20.45 -6.38 -21.34
CA GLY A 193 -20.10 -6.39 -22.74
C GLY A 193 -19.68 -5.07 -23.35
N GLY A 194 -19.58 -3.99 -22.57
CA GLY A 194 -19.18 -2.74 -23.18
C GLY A 194 -19.12 -1.58 -22.23
N ILE A 195 -19.03 -0.41 -22.83
CA ILE A 195 -18.88 0.87 -22.15
C ILE A 195 -20.08 1.73 -22.54
N ASP A 196 -20.79 2.26 -21.56
CA ASP A 196 -21.94 3.13 -21.81
C ASP A 196 -21.48 4.56 -21.56
N HIS A 197 -21.41 5.34 -22.62
CA HIS A 197 -20.81 6.67 -22.51
C HIS A 197 -21.66 7.65 -21.73
N SER A 198 -22.93 7.33 -21.44
CA SER A 198 -23.76 8.22 -20.64
C SER A 198 -23.45 8.13 -19.16
N LEU A 199 -22.59 7.18 -18.75
CA LEU A 199 -22.24 6.98 -17.34
C LEU A 199 -20.98 7.71 -16.89
N TYR A 200 -20.28 8.45 -17.74
CA TYR A 200 -19.08 9.12 -17.26
C TYR A 200 -18.87 10.42 -18.03
N THR A 201 -18.01 11.26 -17.48
CA THR A 201 -17.55 12.49 -18.14
C THR A 201 -16.03 12.48 -18.27
N GLY A 202 -15.55 13.32 -19.18
CA GLY A 202 -14.13 13.42 -19.39
C GLY A 202 -13.55 12.20 -20.11
N SER A 203 -12.25 12.05 -19.97
CA SER A 203 -11.53 10.99 -20.66
C SER A 203 -11.36 9.75 -19.78
N LEU A 204 -11.32 8.59 -20.43
CA LEU A 204 -10.99 7.34 -19.76
C LEU A 204 -9.49 7.19 -19.73
N TRP A 205 -8.94 6.84 -18.57
CA TRP A 205 -7.51 6.57 -18.42
C TRP A 205 -7.29 5.12 -18.07
N TYR A 206 -6.34 4.49 -18.74
CA TYR A 206 -6.17 3.04 -18.64
C TYR A 206 -4.86 2.68 -17.97
N THR A 207 -4.92 1.66 -17.11
CA THR A 207 -3.77 1.07 -16.46
C THR A 207 -3.71 -0.41 -16.80
N PRO A 208 -2.51 -0.98 -17.03
CA PRO A 208 -2.45 -2.39 -17.43
C PRO A 208 -2.93 -3.30 -16.31
N ILE A 209 -3.61 -4.37 -16.70
CA ILE A 209 -3.81 -5.49 -15.79
C ILE A 209 -2.48 -6.22 -15.73
N ARG A 210 -1.83 -6.19 -14.56
CA ARG A 210 -0.47 -6.73 -14.48
C ARG A 210 -0.45 -8.23 -14.76
N ARG A 211 -1.40 -8.96 -14.19
CA ARG A 211 -1.47 -10.41 -14.32
C ARG A 211 -2.93 -10.80 -14.16
N GLU A 212 -3.39 -11.76 -14.96
CA GLU A 212 -4.81 -12.12 -14.96
C GLU A 212 -5.08 -13.18 -13.90
N TRP A 213 -5.26 -12.71 -12.66
CA TRP A 213 -5.73 -13.58 -11.59
C TRP A 213 -6.75 -12.78 -10.79
N TYR A 214 -6.29 -11.96 -9.85
CA TYR A 214 -7.09 -10.81 -9.45
C TYR A 214 -7.03 -9.78 -10.58
N TYR A 215 -7.77 -8.68 -10.43
CA TYR A 215 -7.54 -7.53 -11.31
C TYR A 215 -6.38 -6.75 -10.74
N GLU A 216 -5.16 -7.19 -11.05
CA GLU A 216 -3.97 -6.65 -10.43
C GLU A 216 -3.44 -5.47 -11.22
N VAL A 217 -3.15 -4.38 -10.51
CA VAL A 217 -2.65 -3.14 -11.10
C VAL A 217 -1.39 -2.72 -10.34
N ILE A 218 -0.70 -1.70 -10.85
CA ILE A 218 0.51 -1.20 -10.20
C ILE A 218 0.33 0.28 -9.85
N ILE A 219 0.44 0.61 -8.56
CA ILE A 219 0.39 1.98 -8.06
C ILE A 219 1.81 2.52 -8.06
N VAL A 220 2.03 3.69 -8.69
CA VAL A 220 3.40 4.20 -8.83
C VAL A 220 3.68 5.42 -7.98
N ARG A 221 2.69 6.00 -7.31
CA ARG A 221 2.91 7.18 -6.48
C ARG A 221 1.66 7.38 -5.62
N VAL A 222 1.85 7.91 -4.42
CA VAL A 222 0.72 8.24 -3.55
C VAL A 222 0.97 9.62 -2.98
N GLU A 223 -0.05 10.48 -3.06
CA GLU A 223 -0.01 11.81 -2.50
C GLU A 223 -1.23 12.04 -1.65
N ILE A 224 -1.05 12.81 -0.58
CA ILE A 224 -2.14 13.18 0.32
C ILE A 224 -2.14 14.70 0.42
N ASN A 225 -3.23 15.33 -0.02
CA ASN A 225 -3.30 16.78 -0.11
C ASN A 225 -2.11 17.34 -0.90
N GLY A 226 -1.72 16.64 -1.98
CA GLY A 226 -0.62 17.08 -2.82
C GLY A 226 0.78 16.80 -2.29
N GLN A 227 0.92 16.16 -1.14
CA GLN A 227 2.22 15.89 -0.53
C GLN A 227 2.57 14.44 -0.83
N ASP A 228 3.74 14.21 -1.40
CA ASP A 228 4.14 12.85 -1.74
C ASP A 228 4.42 12.07 -0.45
N LEU A 229 3.90 10.84 -0.33
CA LEU A 229 4.24 10.04 0.84
C LEU A 229 5.72 9.65 0.84
N LYS A 230 6.40 9.75 -0.31
CA LYS A 230 7.84 9.48 -0.46
C LYS A 230 8.24 8.13 0.15
N MET A 231 7.58 7.08 -0.31
CA MET A 231 7.91 5.71 0.03
C MET A 231 8.43 5.03 -1.23
N ASP A 232 9.19 3.97 -1.04
CA ASP A 232 9.54 3.10 -2.16
C ASP A 232 8.23 2.60 -2.77
N CYS A 233 8.03 2.89 -4.05
CA CYS A 233 6.74 2.58 -4.66
C CYS A 233 6.42 1.09 -4.60
N LYS A 234 7.42 0.22 -4.40
CA LYS A 234 7.13 -1.18 -4.15
C LYS A 234 6.27 -1.37 -2.91
N GLU A 235 6.38 -0.48 -1.91
CA GLU A 235 5.57 -0.62 -0.70
C GLU A 235 4.07 -0.54 -1.02
N TYR A 236 3.70 0.26 -2.02
CA TYR A 236 2.31 0.42 -2.41
C TYR A 236 1.73 -0.86 -2.99
N ASN A 237 2.58 -1.73 -3.53
CA ASN A 237 2.11 -2.94 -4.21
C ASN A 237 2.63 -4.20 -3.54
N TYR A 238 2.89 -4.14 -2.24
CA TYR A 238 3.39 -5.28 -1.48
C TYR A 238 2.22 -5.91 -0.76
N ASP A 239 1.84 -7.13 -1.15
CA ASP A 239 2.53 -7.91 -2.19
C ASP A 239 1.80 -7.87 -3.54
N LYS A 240 0.75 -7.06 -3.63
CA LYS A 240 -0.01 -6.85 -4.86
C LYS A 240 -0.99 -5.73 -4.60
N SER A 241 -1.56 -5.19 -5.68
CA SER A 241 -2.63 -4.19 -5.62
C SER A 241 -3.74 -4.66 -6.54
N ILE A 242 -4.98 -4.66 -6.04
CA ILE A 242 -6.11 -5.19 -6.81
C ILE A 242 -7.29 -4.22 -6.78
N VAL A 243 -8.14 -4.33 -7.80
CA VAL A 243 -9.39 -3.60 -7.87
C VAL A 243 -10.49 -4.57 -7.50
N ASP A 244 -11.20 -4.30 -6.40
CA ASP A 244 -12.04 -5.30 -5.72
C ASP A 244 -13.40 -4.69 -5.34
N SER A 245 -14.42 -4.88 -6.17
CA SER A 245 -15.74 -4.37 -5.86
C SER A 245 -16.40 -5.11 -4.71
N GLY A 246 -15.84 -6.25 -4.29
CA GLY A 246 -16.33 -7.04 -3.17
C GLY A 246 -15.74 -6.69 -1.83
N THR A 247 -14.86 -5.71 -1.77
CA THR A 247 -14.29 -5.22 -0.52
C THR A 247 -14.78 -3.78 -0.33
N THR A 248 -15.31 -3.48 0.86
CA THR A 248 -15.84 -2.13 1.09
C THR A 248 -14.72 -1.09 1.11
N ASN A 249 -13.69 -1.32 1.93
CA ASN A 249 -12.71 -0.29 2.25
C ASN A 249 -11.59 -0.21 1.22
N LEU A 250 -10.81 0.86 1.34
CA LEU A 250 -9.46 0.90 0.79
C LEU A 250 -8.55 0.20 1.80
N ARG A 251 -7.92 -0.90 1.40
CA ARG A 251 -7.05 -1.63 2.30
C ARG A 251 -5.62 -1.40 1.83
N LEU A 252 -4.74 -1.06 2.77
CA LEU A 252 -3.36 -0.68 2.51
C LEU A 252 -2.37 -1.53 3.27
N PRO A 253 -1.22 -1.87 2.67
CA PRO A 253 -0.18 -2.58 3.40
C PRO A 253 0.24 -1.81 4.63
N LYS A 254 0.62 -2.55 5.67
CA LYS A 254 0.92 -2.00 6.99
C LYS A 254 1.72 -0.69 6.91
N LYS A 255 2.86 -0.70 6.23
CA LYS A 255 3.69 0.50 6.21
C LYS A 255 2.96 1.67 5.53
N VAL A 256 2.25 1.40 4.44
CA VAL A 256 1.52 2.45 3.76
C VAL A 256 0.34 2.94 4.61
N PHE A 257 -0.37 2.01 5.27
CA PHE A 257 -1.47 2.37 6.15
C PHE A 257 -1.01 3.33 7.25
N GLU A 258 0.11 3.00 7.89
CA GLU A 258 0.62 3.84 8.97
C GLU A 258 0.96 5.24 8.46
N ALA A 259 1.62 5.34 7.30
CA ALA A 259 1.94 6.66 6.77
C ALA A 259 0.69 7.44 6.38
N ALA A 260 -0.30 6.77 5.81
CA ALA A 260 -1.53 7.47 5.41
C ALA A 260 -2.30 7.98 6.61
N VAL A 261 -2.47 7.13 7.64
CA VAL A 261 -3.22 7.53 8.82
C VAL A 261 -2.54 8.70 9.52
N LYS A 262 -1.22 8.64 9.66
CA LYS A 262 -0.47 9.74 10.27
C LYS A 262 -0.72 11.03 9.52
N SER A 263 -0.69 10.98 8.19
CA SER A 263 -0.92 12.20 7.41
C SER A 263 -2.36 12.67 7.55
N ILE A 264 -3.33 11.76 7.50
CA ILE A 264 -4.73 12.14 7.64
C ILE A 264 -5.00 12.65 9.06
N LYS A 265 -4.39 12.03 10.08
CA LYS A 265 -4.56 12.51 11.46
C LYS A 265 -4.10 13.96 11.60
N ALA A 266 -2.90 14.26 11.11
CA ALA A 266 -2.35 15.61 11.24
C ALA A 266 -3.22 16.64 10.54
N ALA A 267 -3.71 16.30 9.33
CA ALA A 267 -4.53 17.24 8.58
C ALA A 267 -5.84 17.56 9.30
N SER A 268 -6.32 16.64 10.13
CA SER A 268 -7.59 16.82 10.84
C SER A 268 -7.40 16.99 12.34
N SER A 269 -6.18 17.31 12.79
CA SER A 269 -5.89 17.39 14.24
C SER A 269 -6.74 18.40 14.99
N THR A 270 -7.26 19.45 14.32
CA THR A 270 -8.14 20.41 14.99
C THR A 270 -9.39 19.77 15.58
N GLU A 271 -9.62 18.49 15.32
CA GLU A 271 -10.76 17.79 15.90
C GLU A 271 -10.22 16.50 16.53
N LYS A 272 -10.84 16.07 17.62
CA LYS A 272 -10.38 14.86 18.28
C LYS A 272 -11.31 13.71 17.95
N PHE A 273 -10.70 12.57 17.66
CA PHE A 273 -11.37 11.32 17.34
C PHE A 273 -10.85 10.23 18.28
N PRO A 274 -11.72 9.34 18.74
CA PRO A 274 -11.24 8.19 19.51
C PRO A 274 -10.25 7.36 18.70
N ASP A 275 -9.27 6.77 19.39
CA ASP A 275 -8.29 5.94 18.68
C ASP A 275 -8.93 4.77 17.95
N GLY A 276 -10.03 4.23 18.50
CA GLY A 276 -10.77 3.19 17.82
C GLY A 276 -11.38 3.63 16.50
N PHE A 277 -11.57 4.94 16.32
CA PHE A 277 -12.05 5.45 15.04
C PHE A 277 -11.09 5.09 13.91
N TRP A 278 -9.79 5.33 14.13
CA TRP A 278 -8.78 5.04 13.12
C TRP A 278 -8.59 3.55 12.85
N LEU A 279 -9.26 2.68 13.61
CA LEU A 279 -9.22 1.25 13.39
C LEU A 279 -10.47 0.74 12.68
N GLY A 280 -11.39 1.62 12.30
CA GLY A 280 -12.63 1.21 11.70
C GLY A 280 -13.66 0.67 12.68
N GLU A 281 -13.43 0.82 13.99
CA GLU A 281 -14.35 0.33 15.02
C GLU A 281 -15.36 1.41 15.41
N GLN A 282 -14.90 2.41 16.18
CA GLN A 282 -15.76 3.49 16.62
C GLN A 282 -16.11 4.42 15.46
N LEU A 283 -17.27 5.06 15.56
CA LEU A 283 -17.77 5.96 14.54
C LEU A 283 -17.79 7.39 15.10
N VAL A 284 -17.32 8.34 14.31
CA VAL A 284 -17.32 9.75 14.71
C VAL A 284 -18.62 10.38 14.24
N CYS A 285 -19.11 11.37 14.98
CA CYS A 285 -20.37 12.04 14.65
C CYS A 285 -20.23 13.56 14.79
N TRP A 286 -21.05 14.28 14.02
CA TRP A 286 -21.13 15.73 14.06
C TRP A 286 -22.58 16.12 13.89
N GLN A 287 -22.89 17.36 14.31
CA GLN A 287 -24.24 17.89 14.14
C GLN A 287 -24.63 17.87 12.67
N ALA A 288 -25.83 17.33 12.40
CA ALA A 288 -26.38 17.19 11.05
C ALA A 288 -26.03 18.36 10.15
N GLY A 289 -25.18 18.11 9.16
CA GLY A 289 -24.77 19.10 8.20
C GLY A 289 -23.58 19.94 8.60
N THR A 290 -22.86 19.55 9.65
CA THR A 290 -21.68 20.31 10.07
C THR A 290 -20.38 19.51 9.98
N THR A 291 -20.42 18.33 9.34
CA THR A 291 -19.21 17.57 9.13
C THR A 291 -18.13 18.48 8.52
N PRO A 292 -16.96 18.56 9.13
CA PRO A 292 -15.88 19.44 8.64
C PRO A 292 -15.05 18.77 7.54
N TRP A 293 -15.67 18.58 6.36
CA TRP A 293 -14.99 17.93 5.24
C TRP A 293 -13.66 18.57 4.91
N ASN A 294 -13.59 19.90 5.02
CA ASN A 294 -12.39 20.63 4.62
C ASN A 294 -11.13 20.20 5.38
N ILE A 295 -11.27 19.64 6.58
CA ILE A 295 -10.07 19.24 7.33
C ILE A 295 -9.55 17.89 6.93
N PHE A 296 -10.32 17.11 6.15
CA PHE A 296 -9.83 15.81 5.69
C PHE A 296 -9.21 15.92 4.31
N PRO A 297 -8.01 15.37 4.14
CA PRO A 297 -7.28 15.51 2.88
C PRO A 297 -7.83 14.61 1.78
N VAL A 298 -7.48 14.97 0.53
CA VAL A 298 -7.75 14.14 -0.65
C VAL A 298 -6.56 13.20 -0.82
N ILE A 299 -6.83 12.01 -1.34
CA ILE A 299 -5.80 11.01 -1.60
C ILE A 299 -5.69 10.81 -3.11
N SER A 300 -4.49 11.02 -3.64
CA SER A 300 -4.21 10.80 -5.06
C SER A 300 -3.43 9.50 -5.20
N LEU A 301 -3.96 8.57 -6.00
CA LEU A 301 -3.33 7.31 -6.36
C LEU A 301 -2.91 7.42 -7.81
N TYR A 302 -1.60 7.33 -8.06
CA TYR A 302 -1.08 7.30 -9.41
C TYR A 302 -0.93 5.87 -9.86
N LEU A 303 -1.47 5.57 -11.05
CA LEU A 303 -1.49 4.25 -11.65
C LEU A 303 -0.61 4.23 -12.90
N MET A 304 0.06 3.10 -13.11
CA MET A 304 0.85 2.93 -14.32
C MET A 304 -0.06 3.15 -15.55
N GLY A 305 0.45 3.89 -16.51
CA GLY A 305 -0.27 4.17 -17.74
C GLY A 305 0.04 3.17 -18.84
N GLU A 306 -0.42 3.51 -20.04
CA GLU A 306 -0.28 2.70 -21.24
C GLU A 306 0.98 2.99 -22.05
N VAL A 307 1.66 4.13 -21.84
CA VAL A 307 2.85 4.41 -22.63
C VAL A 307 4.05 4.61 -21.71
N THR A 308 5.24 4.50 -22.30
CA THR A 308 6.50 4.52 -21.58
C THR A 308 6.60 5.74 -20.68
N ASN A 309 6.96 5.51 -19.42
CA ASN A 309 7.18 6.56 -18.42
C ASN A 309 5.92 7.41 -18.20
N GLN A 310 4.73 6.87 -18.48
CA GLN A 310 3.51 7.64 -18.34
C GLN A 310 2.58 6.99 -17.33
N SER A 311 2.09 7.79 -16.40
CA SER A 311 1.10 7.40 -15.42
C SER A 311 -0.09 8.37 -15.48
N PHE A 312 -1.09 8.11 -14.63
CA PHE A 312 -2.21 9.01 -14.45
C PHE A 312 -2.64 8.90 -12.99
N ARG A 313 -3.46 9.82 -12.53
CA ARG A 313 -3.87 9.77 -11.13
C ARG A 313 -5.39 9.83 -10.98
N ILE A 314 -5.87 9.17 -9.94
CA ILE A 314 -7.24 9.31 -9.50
C ILE A 314 -7.21 9.94 -8.11
N THR A 315 -8.09 10.89 -7.87
CA THR A 315 -8.11 11.61 -6.62
C THR A 315 -9.38 11.26 -5.86
N ILE A 316 -9.20 10.87 -4.59
CA ILE A 316 -10.25 10.35 -3.71
C ILE A 316 -10.63 11.45 -2.72
N LEU A 317 -11.93 11.75 -2.62
CA LEU A 317 -12.43 12.73 -1.67
C LEU A 317 -12.68 12.08 -0.30
N PRO A 318 -12.60 12.85 0.79
CA PRO A 318 -12.95 12.28 2.11
C PRO A 318 -14.34 11.71 2.19
N GLN A 319 -15.30 12.22 1.40
CA GLN A 319 -16.62 11.62 1.38
C GLN A 319 -16.60 10.19 0.85
N GLN A 320 -15.48 9.73 0.31
CA GLN A 320 -15.35 8.35 -0.12
C GLN A 320 -14.79 7.48 1.00
N TYR A 321 -13.78 7.94 1.73
CA TYR A 321 -13.17 7.11 2.76
C TYR A 321 -13.70 7.40 4.17
N LEU A 322 -14.77 8.21 4.29
CA LEU A 322 -15.51 8.37 5.54
C LEU A 322 -16.91 7.89 5.19
N ARG A 323 -17.13 6.60 5.39
CA ARG A 323 -18.40 5.98 5.00
C ARG A 323 -19.49 6.38 5.99
N PRO A 324 -20.62 6.89 5.51
CA PRO A 324 -21.71 7.25 6.43
C PRO A 324 -22.42 6.01 6.95
N VAL A 325 -22.72 6.00 8.26
CA VAL A 325 -23.32 4.88 8.95
C VAL A 325 -24.47 5.35 9.84
N GLU A 326 -25.50 4.51 9.95
CA GLU A 326 -26.68 4.82 10.74
C GLU A 326 -26.32 5.14 12.19
N ASP A 327 -26.82 6.28 12.67
CA ASP A 327 -26.57 6.79 14.02
C ASP A 327 -27.08 5.83 15.08
N VAL A 328 -26.14 5.21 15.81
CA VAL A 328 -26.51 4.20 16.81
C VAL A 328 -27.50 4.76 17.82
N ALA A 329 -27.30 6.02 18.26
CA ALA A 329 -28.23 6.64 19.20
C ALA A 329 -29.45 7.23 18.49
N THR A 330 -29.86 8.43 18.91
CA THR A 330 -30.95 9.15 18.27
C THR A 330 -30.43 9.70 16.94
N SER A 331 -30.97 9.19 15.82
CA SER A 331 -30.55 9.64 14.50
C SER A 331 -30.71 11.15 14.33
N GLN A 332 -29.87 11.92 15.02
CA GLN A 332 -29.86 13.37 14.94
C GLN A 332 -28.54 13.98 14.48
N ASP A 333 -27.52 13.17 14.20
CA ASP A 333 -26.20 13.65 13.80
C ASP A 333 -25.63 12.79 12.68
N ASP A 334 -24.85 13.42 11.81
CA ASP A 334 -24.18 12.69 10.72
C ASP A 334 -22.99 11.93 11.31
N CYS A 335 -23.00 10.61 11.16
CA CYS A 335 -21.97 9.74 11.70
C CYS A 335 -21.28 8.98 10.59
N TYR A 336 -19.98 8.73 10.77
CA TYR A 336 -19.18 8.06 9.75
C TYR A 336 -18.24 7.04 10.37
N LYS A 337 -17.82 6.11 9.52
CA LYS A 337 -16.80 5.13 9.86
C LYS A 337 -15.60 5.35 8.94
N PHE A 338 -14.39 5.27 9.51
CA PHE A 338 -13.14 5.34 8.74
C PHE A 338 -13.05 4.11 7.85
N ALA A 339 -13.11 4.32 6.53
CA ALA A 339 -13.16 3.23 5.55
C ALA A 339 -11.79 2.93 4.94
N ILE A 340 -10.72 3.12 5.69
CA ILE A 340 -9.38 2.73 5.28
C ILE A 340 -8.85 1.79 6.34
N SER A 341 -8.51 0.57 5.95
CA SER A 341 -7.99 -0.37 6.93
C SER A 341 -6.68 -0.99 6.47
N GLN A 342 -6.01 -1.58 7.45
CA GLN A 342 -4.70 -2.19 7.26
C GLN A 342 -4.84 -3.57 6.62
N SER A 343 -3.89 -3.89 5.75
CA SER A 343 -3.86 -5.15 5.02
C SER A 343 -2.52 -5.83 5.21
N SER A 344 -2.55 -7.16 5.14
CA SER A 344 -1.35 -7.97 5.10
C SER A 344 -1.27 -8.76 3.81
N THR A 345 -2.15 -8.47 2.84
CA THR A 345 -2.17 -9.18 1.55
C THR A 345 -2.18 -8.21 0.38
N GLY A 346 -1.64 -7.01 0.58
CA GLY A 346 -1.51 -5.99 -0.46
C GLY A 346 -2.61 -4.94 -0.40
N THR A 347 -2.51 -3.99 -1.34
CA THR A 347 -3.49 -2.90 -1.46
C THR A 347 -4.79 -3.42 -2.06
N VAL A 348 -5.92 -3.00 -1.50
CA VAL A 348 -7.22 -3.29 -2.10
C VAL A 348 -7.93 -1.99 -2.40
N MET A 349 -8.14 -1.71 -3.69
CA MET A 349 -8.97 -0.58 -4.11
C MET A 349 -10.41 -1.08 -4.08
N GLY A 350 -11.06 -0.87 -2.94
CA GLY A 350 -12.39 -1.39 -2.70
C GLY A 350 -13.49 -0.50 -3.24
N ALA A 351 -14.71 -0.80 -2.79
CA ALA A 351 -15.90 -0.10 -3.31
C ALA A 351 -15.83 1.39 -3.05
N VAL A 352 -15.33 1.82 -1.88
CA VAL A 352 -15.33 3.26 -1.63
C VAL A 352 -14.38 3.99 -2.56
N ILE A 353 -13.36 3.31 -3.06
CA ILE A 353 -12.47 3.91 -4.05
C ILE A 353 -13.17 3.95 -5.41
N MET A 354 -13.84 2.87 -5.80
CA MET A 354 -14.50 2.79 -7.09
C MET A 354 -15.70 3.72 -7.19
N GLU A 355 -16.38 3.98 -6.07
CA GLU A 355 -17.55 4.85 -6.09
C GLU A 355 -17.20 6.24 -6.64
N GLY A 356 -18.08 6.77 -7.49
CA GLY A 356 -17.76 8.02 -8.13
C GLY A 356 -16.84 7.92 -9.33
N PHE A 357 -16.28 6.74 -9.62
CA PHE A 357 -15.57 6.54 -10.87
C PHE A 357 -16.34 5.52 -11.71
N TYR A 358 -16.16 5.62 -13.01
CA TYR A 358 -16.59 4.59 -13.93
C TYR A 358 -15.38 3.73 -14.25
N VAL A 359 -15.43 2.46 -13.91
CA VAL A 359 -14.26 1.60 -13.96
C VAL A 359 -14.49 0.56 -15.04
N VAL A 360 -13.62 0.53 -16.03
CA VAL A 360 -13.81 -0.39 -17.16
C VAL A 360 -12.84 -1.56 -17.02
N PHE A 361 -13.38 -2.77 -16.90
CA PHE A 361 -12.54 -3.98 -16.82
C PHE A 361 -12.37 -4.53 -18.23
N ASP A 362 -11.38 -3.99 -18.93
CA ASP A 362 -11.16 -4.30 -20.35
C ASP A 362 -10.30 -5.55 -20.45
N ARG A 363 -10.95 -6.69 -20.19
CA ARG A 363 -10.24 -7.97 -20.23
C ARG A 363 -9.61 -8.22 -21.59
N ALA A 364 -10.31 -7.86 -22.67
CA ALA A 364 -9.81 -8.11 -24.03
C ALA A 364 -8.47 -7.44 -24.26
N ARG A 365 -8.25 -6.25 -23.69
CA ARG A 365 -7.01 -5.53 -23.89
C ARG A 365 -6.17 -5.47 -22.62
N LYS A 366 -6.47 -6.33 -21.64
CA LYS A 366 -5.67 -6.47 -20.41
C LYS A 366 -5.41 -5.12 -19.76
N ARG A 367 -6.49 -4.37 -19.51
CA ARG A 367 -6.37 -3.04 -18.95
C ARG A 367 -7.63 -2.68 -18.20
N ILE A 368 -7.49 -1.72 -17.30
CA ILE A 368 -8.59 -1.23 -16.48
C ILE A 368 -8.68 0.28 -16.67
N GLY A 369 -9.85 0.77 -17.07
CA GLY A 369 -10.05 2.18 -17.34
C GLY A 369 -10.77 2.87 -16.20
N PHE A 370 -10.42 4.14 -15.98
CA PHE A 370 -11.01 4.98 -14.96
C PHE A 370 -11.48 6.29 -15.56
N ALA A 371 -12.69 6.73 -15.20
CA ALA A 371 -13.16 8.05 -15.57
C ALA A 371 -14.07 8.55 -14.46
N VAL A 372 -14.23 9.87 -14.37
CA VAL A 372 -15.17 10.44 -13.42
C VAL A 372 -16.57 9.92 -13.74
N SER A 373 -17.25 9.40 -12.73
CA SER A 373 -18.59 8.84 -12.91
C SER A 373 -19.63 9.95 -13.05
N ALA A 374 -20.75 9.62 -13.71
CA ALA A 374 -21.90 10.52 -13.72
C ALA A 374 -22.54 10.63 -12.34
N CYS A 375 -22.29 9.69 -11.43
CA CYS A 375 -22.80 9.78 -10.07
C CYS A 375 -21.63 10.08 -9.17
N HIS A 376 -21.01 11.24 -9.37
CA HIS A 376 -19.80 11.56 -8.67
C HIS A 376 -20.10 12.12 -7.29
N VAL A 377 -19.15 11.94 -6.39
CA VAL A 377 -19.26 12.43 -5.02
C VAL A 377 -19.10 13.95 -5.01
N HIS A 378 -20.01 14.64 -4.32
CA HIS A 378 -20.04 16.11 -4.34
C HIS A 378 -19.42 16.69 -3.08
N ASP A 379 -18.33 17.43 -3.26
CA ASP A 379 -17.77 18.35 -2.26
C ASP A 379 -18.09 19.75 -2.77
N GLU A 380 -17.87 20.79 -1.97
CA GLU A 380 -18.29 22.11 -2.45
C GLU A 380 -17.19 22.79 -3.23
N PHE A 381 -15.95 22.58 -2.79
CA PHE A 381 -14.80 23.26 -3.34
C PHE A 381 -13.79 22.31 -3.97
N ARG A 382 -13.94 21.00 -3.78
CA ARG A 382 -13.00 20.03 -4.31
C ARG A 382 -13.75 18.98 -5.13
N THR A 383 -13.03 18.31 -6.02
CA THR A 383 -13.74 17.32 -6.81
C THR A 383 -12.87 16.11 -7.09
N ALA A 384 -13.50 14.94 -7.01
CA ALA A 384 -12.85 13.72 -7.44
C ALA A 384 -12.48 13.87 -8.90
N ALA A 385 -11.33 13.30 -9.27
CA ALA A 385 -10.81 13.55 -10.60
C ALA A 385 -9.99 12.35 -11.07
N VAL A 386 -9.85 12.26 -12.40
CA VAL A 386 -8.96 11.32 -13.07
C VAL A 386 -8.16 12.17 -14.04
N GLU A 387 -6.86 12.32 -13.80
CA GLU A 387 -6.06 13.29 -14.52
C GLU A 387 -4.78 12.69 -15.06
N GLY A 388 -4.40 13.15 -16.24
CA GLY A 388 -3.18 12.73 -16.88
C GLY A 388 -2.87 13.65 -18.03
N PRO A 389 -1.72 13.44 -18.70
CA PRO A 389 -0.74 12.41 -18.36
C PRO A 389 0.27 12.91 -17.33
N PHE A 390 0.95 12.02 -16.63
CA PHE A 390 2.06 12.37 -15.77
C PHE A 390 3.27 11.58 -16.22
N VAL A 391 4.46 12.11 -15.94
CA VAL A 391 5.68 11.38 -16.23
C VAL A 391 6.16 10.74 -14.93
N THR A 392 6.44 9.45 -14.99
CA THR A 392 6.91 8.68 -13.84
C THR A 392 7.98 7.73 -14.37
N LEU A 393 9.22 7.90 -13.89
CA LEU A 393 10.29 7.04 -14.33
C LEU A 393 10.28 5.73 -13.56
N ASP A 394 10.85 4.69 -14.18
CA ASP A 394 11.07 3.40 -13.53
C ASP A 394 9.78 2.79 -12.97
N MET A 395 8.67 2.91 -13.70
CA MET A 395 7.41 2.37 -13.16
C MET A 395 7.49 0.86 -12.97
N GLU A 396 8.26 0.19 -13.82
CA GLU A 396 8.39 -1.27 -13.74
C GLU A 396 8.89 -1.72 -12.38
N ASP A 397 9.74 -0.90 -11.74
CA ASP A 397 10.31 -1.22 -10.43
C ASP A 397 9.28 -1.19 -9.30
N CYS A 398 8.06 -0.70 -9.55
CA CYS A 398 7.08 -0.58 -8.49
C CYS A 398 6.35 -1.88 -8.25
N GLY A 399 6.45 -2.81 -9.20
CA GLY A 399 5.81 -4.11 -9.04
C GLY A 399 6.58 -4.97 -8.07
N TYR A 400 5.86 -5.63 -7.16
CA TYR A 400 6.51 -6.52 -6.23
C TYR A 400 6.72 -7.88 -6.89
N ASN A 401 7.87 -8.50 -6.59
CA ASN A 401 8.21 -9.82 -7.09
C ASN A 401 8.60 -10.73 -5.94
N SER B 14 -21.43 -28.30 10.99
CA SER B 14 -20.76 -27.08 11.42
C SER B 14 -19.22 -27.18 11.29
N PHE B 15 -18.76 -28.00 10.34
CA PHE B 15 -17.33 -28.13 10.12
C PHE B 15 -16.74 -26.98 9.30
N VAL B 16 -17.60 -26.19 8.63
CA VAL B 16 -17.12 -25.08 7.82
C VAL B 16 -16.31 -24.11 8.68
N GLU B 17 -16.59 -24.02 9.98
CA GLU B 17 -15.82 -23.12 10.85
C GLU B 17 -14.38 -23.57 11.03
N MET B 18 -14.07 -24.81 10.71
CA MET B 18 -12.72 -25.32 10.88
C MET B 18 -11.96 -25.44 9.57
N VAL B 19 -12.64 -25.28 8.43
CA VAL B 19 -11.97 -25.30 7.15
C VAL B 19 -10.96 -24.16 7.10
N ASP B 20 -9.77 -24.45 6.53
CA ASP B 20 -8.72 -23.45 6.36
C ASP B 20 -8.13 -22.98 7.69
N ASN B 21 -8.17 -23.81 8.75
CA ASN B 21 -7.64 -23.40 10.05
C ASN B 21 -6.15 -23.72 10.26
N LEU B 22 -5.46 -24.24 9.25
CA LEU B 22 -4.04 -24.58 9.36
C LEU B 22 -3.21 -23.65 8.49
N ARG B 23 -2.02 -23.26 8.99
CA ARG B 23 -1.05 -22.48 8.24
C ARG B 23 0.34 -23.06 8.44
N GLY B 24 1.32 -22.48 7.75
CA GLY B 24 2.69 -22.91 7.92
C GLY B 24 3.58 -22.47 6.78
N LYS B 25 4.87 -22.75 6.95
CA LYS B 25 5.87 -22.54 5.92
C LYS B 25 6.37 -23.89 5.43
N SER B 26 6.69 -23.95 4.14
CA SER B 26 7.14 -25.19 3.53
C SER B 26 8.29 -25.81 4.33
N GLY B 27 8.12 -27.06 4.73
CA GLY B 27 9.11 -27.80 5.48
C GLY B 27 9.24 -27.44 6.96
N GLN B 28 8.39 -26.56 7.48
CA GLN B 28 8.44 -26.18 8.90
C GLN B 28 7.19 -26.58 9.67
N GLY B 29 6.36 -27.45 9.12
CA GLY B 29 5.21 -27.98 9.84
C GLY B 29 3.93 -27.17 9.66
N TYR B 30 2.82 -27.82 9.98
CA TYR B 30 1.50 -27.22 9.97
C TYR B 30 1.06 -26.90 11.40
N TYR B 31 0.49 -25.71 11.60
CA TYR B 31 0.10 -25.30 12.94
C TYR B 31 -1.32 -24.76 12.96
N VAL B 32 -1.95 -24.88 14.13
CA VAL B 32 -3.29 -24.41 14.37
C VAL B 32 -3.22 -23.42 15.53
N GLU B 33 -4.11 -22.46 15.53
CA GLU B 33 -4.13 -21.47 16.60
C GLU B 33 -4.85 -22.03 17.82
N MET B 34 -4.27 -21.79 18.99
CA MET B 34 -4.88 -22.25 20.24
C MET B 34 -4.77 -21.14 21.27
N THR B 35 -5.54 -21.28 22.34
CA THR B 35 -5.38 -20.42 23.50
C THR B 35 -5.23 -21.30 24.74
N VAL B 36 -4.42 -20.84 25.69
CA VAL B 36 -4.23 -21.50 26.97
C VAL B 36 -4.33 -20.43 28.07
N GLY B 37 -4.94 -20.81 29.21
CA GLY B 37 -4.94 -19.95 30.38
C GLY B 37 -6.10 -18.97 30.43
N SER B 38 -6.18 -18.25 31.54
CA SER B 38 -7.21 -17.24 31.78
C SER B 38 -6.53 -15.98 32.31
N PRO B 39 -6.58 -14.84 31.59
CA PRO B 39 -7.19 -14.62 30.28
C PRO B 39 -6.47 -15.42 29.18
N PRO B 40 -7.20 -15.77 28.11
CA PRO B 40 -6.63 -16.68 27.09
C PRO B 40 -5.36 -16.12 26.47
N GLN B 41 -4.32 -16.96 26.44
CA GLN B 41 -3.06 -16.60 25.79
C GLN B 41 -2.98 -17.32 24.45
N THR B 42 -2.87 -16.54 23.37
CA THR B 42 -2.92 -17.09 22.02
C THR B 42 -1.55 -17.58 21.58
N LEU B 43 -1.51 -18.80 21.04
CA LEU B 43 -0.30 -19.44 20.56
C LEU B 43 -0.63 -20.25 19.31
N ASN B 44 0.34 -20.34 18.41
CA ASN B 44 0.24 -21.24 17.27
C ASN B 44 0.89 -22.58 17.61
N ILE B 45 0.18 -23.67 17.35
CA ILE B 45 0.57 -24.98 17.82
C ILE B 45 0.69 -25.95 16.66
N LEU B 46 1.86 -26.59 16.55
CA LEU B 46 2.12 -27.57 15.52
C LEU B 46 1.24 -28.80 15.70
N VAL B 47 0.65 -29.26 14.60
CA VAL B 47 -0.25 -30.41 14.60
C VAL B 47 0.56 -31.67 14.33
N ASP B 48 0.67 -32.55 15.32
CA ASP B 48 1.58 -33.68 15.25
C ASP B 48 0.88 -34.99 15.59
N THR B 49 0.53 -35.78 14.56
CA THR B 49 -0.02 -37.11 14.84
C THR B 49 1.07 -38.13 15.17
N GLY B 50 2.34 -37.73 15.19
CA GLY B 50 3.42 -38.63 15.50
C GLY B 50 3.90 -38.59 16.94
N SER B 51 3.22 -37.87 17.83
CA SER B 51 3.60 -37.86 19.23
C SER B 51 2.34 -37.58 20.04
N SER B 52 2.48 -37.57 21.36
CA SER B 52 1.31 -37.49 22.23
C SER B 52 1.42 -36.49 23.37
N ASN B 53 2.39 -35.58 23.31
CA ASN B 53 2.52 -34.54 24.32
C ASN B 53 2.05 -33.22 23.77
N PHE B 54 1.28 -32.49 24.58
CA PHE B 54 0.92 -31.11 24.31
C PHE B 54 1.95 -30.25 25.06
N ALA B 55 2.77 -29.51 24.32
CA ALA B 55 3.85 -28.74 24.92
C ALA B 55 3.96 -27.37 24.27
N VAL B 56 4.32 -26.36 25.07
CA VAL B 56 4.41 -24.99 24.59
C VAL B 56 5.65 -24.30 25.15
N GLY B 57 6.23 -23.42 24.34
CA GLY B 57 7.30 -22.58 24.85
C GLY B 57 6.79 -21.83 26.06
N ALA B 58 7.53 -21.86 27.17
CA ALA B 58 7.11 -21.18 28.39
C ALA B 58 8.23 -20.37 29.02
N ALA B 59 9.32 -20.13 28.29
CA ALA B 59 10.47 -19.39 28.75
C ALA B 59 11.07 -18.72 27.52
N PRO B 60 11.73 -17.57 27.69
CA PRO B 60 12.31 -16.89 26.53
C PRO B 60 13.20 -17.81 25.71
N HIS B 61 13.18 -17.59 24.39
CA HIS B 61 13.98 -18.37 23.46
C HIS B 61 14.22 -17.48 22.25
N PRO B 62 15.42 -17.55 21.66
CA PRO B 62 15.73 -16.68 20.51
C PRO B 62 14.72 -16.76 19.37
N PHE B 63 14.19 -17.95 19.10
CA PHE B 63 13.31 -18.14 17.96
C PHE B 63 11.83 -18.00 18.31
N LEU B 64 11.51 -17.67 19.56
CA LEU B 64 10.12 -17.52 20.00
C LEU B 64 9.74 -16.05 20.07
N HIS B 65 8.64 -15.70 19.39
CA HIS B 65 8.10 -14.35 19.46
C HIS B 65 7.14 -14.18 20.62
N ARG B 66 6.67 -15.29 21.19
CA ARG B 66 5.80 -15.26 22.35
C ARG B 66 5.86 -16.63 23.00
N TYR B 67 5.38 -16.70 24.24
CA TYR B 67 5.40 -17.96 24.95
C TYR B 67 4.36 -17.92 26.06
N TYR B 68 4.03 -19.11 26.56
CA TYR B 68 3.06 -19.29 27.62
C TYR B 68 3.61 -18.73 28.93
N GLN B 69 2.86 -17.82 29.54
CA GLN B 69 3.24 -17.21 30.82
C GLN B 69 2.30 -17.73 31.90
N ARG B 70 2.72 -18.82 32.56
CA ARG B 70 1.91 -19.46 33.59
C ARG B 70 1.52 -18.48 34.70
N GLN B 71 2.43 -17.55 35.01
CA GLN B 71 2.18 -16.59 36.09
C GLN B 71 0.97 -15.72 35.81
N LEU B 72 0.66 -15.46 34.54
CA LEU B 72 -0.45 -14.59 34.17
C LEU B 72 -1.78 -15.32 34.03
N SER B 73 -1.81 -16.63 34.26
CA SER B 73 -3.02 -17.43 34.11
C SER B 73 -3.52 -17.85 35.48
N SER B 74 -4.76 -17.45 35.79
CA SER B 74 -5.37 -17.79 37.08
C SER B 74 -5.84 -19.24 37.16
N THR B 75 -5.95 -19.91 36.03
CA THR B 75 -6.40 -21.29 35.97
C THR B 75 -5.24 -22.27 35.83
N TYR B 76 -4.01 -21.77 35.79
CA TYR B 76 -2.84 -22.64 35.72
C TYR B 76 -2.69 -23.46 37.00
N ARG B 77 -2.40 -24.74 36.85
CA ARG B 77 -2.11 -25.62 37.98
C ARG B 77 -0.80 -26.34 37.71
N ASP B 78 0.13 -26.23 38.65
CA ASP B 78 1.42 -26.92 38.55
C ASP B 78 1.23 -28.37 38.98
N LEU B 79 1.80 -29.29 38.21
CA LEU B 79 1.79 -30.71 38.55
C LEU B 79 3.03 -31.13 39.34
N ARG B 80 3.98 -30.21 39.52
CA ARG B 80 5.18 -30.45 40.33
C ARG B 80 5.93 -31.68 39.85
N LYS B 81 6.04 -31.82 38.53
CA LYS B 81 6.75 -32.95 37.93
C LYS B 81 7.38 -32.48 36.64
N GLY B 82 8.63 -32.87 36.41
CA GLY B 82 9.32 -32.57 35.18
C GLY B 82 8.96 -33.54 34.06
N VAL B 83 9.45 -33.23 32.86
CA VAL B 83 9.15 -34.03 31.69
C VAL B 83 10.23 -33.76 30.65
N TYR B 84 10.56 -34.79 29.87
CA TYR B 84 11.50 -34.69 28.76
C TYR B 84 10.96 -35.49 27.59
N VAL B 85 11.09 -34.93 26.39
CA VAL B 85 10.62 -35.60 25.17
C VAL B 85 11.71 -35.53 24.10
N PRO B 86 12.28 -36.66 23.69
CA PRO B 86 13.18 -36.66 22.53
C PRO B 86 12.49 -37.12 21.25
N TYR B 87 12.43 -36.28 20.23
CA TYR B 87 11.86 -36.69 18.95
C TYR B 87 12.95 -37.34 18.12
N THR B 88 12.64 -37.69 16.88
CA THR B 88 13.70 -38.15 15.97
C THR B 88 14.73 -37.05 15.75
N GLN B 89 14.27 -35.81 15.65
CA GLN B 89 15.13 -34.64 15.59
C GLN B 89 14.50 -33.58 16.48
N GLY B 90 15.26 -33.06 17.42
CA GLY B 90 14.78 -32.07 18.36
C GLY B 90 14.36 -32.70 19.67
N LYS B 91 14.43 -31.92 20.74
CA LYS B 91 14.10 -32.42 22.07
C LYS B 91 13.83 -31.23 22.98
N TRP B 92 13.10 -31.47 24.06
CA TRP B 92 12.88 -30.42 25.04
C TRP B 92 12.62 -31.04 26.41
N GLU B 93 12.70 -30.19 27.43
CA GLU B 93 12.34 -30.53 28.80
C GLU B 93 11.49 -29.41 29.39
N GLY B 94 10.74 -29.72 30.43
CA GLY B 94 9.93 -28.71 31.04
C GLY B 94 9.20 -29.18 32.27
N GLU B 95 8.17 -28.44 32.63
CA GLU B 95 7.38 -28.67 33.82
C GLU B 95 5.96 -29.01 33.42
N LEU B 96 5.43 -30.07 34.02
CA LEU B 96 4.07 -30.47 33.76
C LEU B 96 3.12 -29.60 34.56
N GLY B 97 1.94 -29.37 33.99
CA GLY B 97 0.87 -28.63 34.63
C GLY B 97 -0.38 -28.81 33.81
N THR B 98 -1.47 -28.23 34.29
CA THR B 98 -2.72 -28.22 33.54
C THR B 98 -3.25 -26.81 33.44
N ASP B 99 -4.13 -26.59 32.46
CA ASP B 99 -4.74 -25.29 32.26
C ASP B 99 -5.88 -25.45 31.26
N LEU B 100 -6.72 -24.41 31.18
CA LEU B 100 -7.81 -24.40 30.23
C LEU B 100 -7.28 -24.10 28.84
N VAL B 101 -7.78 -24.85 27.85
CA VAL B 101 -7.33 -24.77 26.48
C VAL B 101 -8.53 -24.64 25.56
N SER B 102 -8.40 -23.81 24.53
CA SER B 102 -9.44 -23.64 23.53
C SER B 102 -8.78 -23.62 22.15
N ILE B 103 -9.59 -23.91 21.14
CA ILE B 103 -9.19 -23.82 19.74
C ILE B 103 -10.15 -22.86 19.04
N PRO B 104 -9.73 -21.60 18.86
CA PRO B 104 -10.64 -20.59 18.25
C PRO B 104 -11.34 -21.02 16.96
N HIS B 105 -10.61 -21.54 15.98
CA HIS B 105 -11.22 -22.07 14.75
C HIS B 105 -11.35 -23.59 14.86
N GLY B 106 -12.05 -24.01 15.90
CA GLY B 106 -12.28 -25.40 16.18
C GLY B 106 -13.66 -25.54 16.77
N PRO B 107 -13.92 -26.65 17.45
CA PRO B 107 -15.19 -26.78 18.15
C PRO B 107 -15.28 -25.72 19.24
N ASN B 108 -16.50 -25.30 19.54
CA ASN B 108 -16.72 -24.25 20.51
C ASN B 108 -16.75 -24.83 21.93
N VAL B 109 -15.57 -25.26 22.40
CA VAL B 109 -15.44 -25.83 23.73
C VAL B 109 -14.13 -25.39 24.39
N THR B 110 -14.10 -25.51 25.72
CA THR B 110 -12.92 -25.28 26.53
C THR B 110 -12.71 -26.50 27.41
N VAL B 111 -11.48 -27.03 27.43
CA VAL B 111 -11.17 -28.22 28.21
C VAL B 111 -9.96 -27.95 29.08
N ARG B 112 -9.88 -28.65 30.20
CA ARG B 112 -8.67 -28.64 31.03
C ARG B 112 -7.78 -29.77 30.54
N ALA B 113 -6.55 -29.44 30.17
CA ALA B 113 -5.65 -30.39 29.52
C ALA B 113 -4.27 -30.34 30.15
N ASN B 114 -3.51 -31.40 29.96
CA ASN B 114 -2.12 -31.41 30.40
C ASN B 114 -1.29 -30.52 29.49
N ILE B 115 -0.37 -29.75 30.08
CA ILE B 115 0.50 -28.88 29.30
C ILE B 115 1.93 -29.01 29.83
N ALA B 116 2.86 -29.28 28.93
CA ALA B 116 4.28 -29.28 29.25
C ALA B 116 4.81 -27.88 28.96
N ALA B 117 5.22 -27.18 29.99
CA ALA B 117 5.80 -25.85 29.82
C ALA B 117 7.28 -26.02 29.47
N ILE B 118 7.63 -25.79 28.21
CA ILE B 118 9.01 -26.00 27.75
C ILE B 118 9.89 -24.91 28.34
N THR B 119 10.86 -25.34 29.17
CA THR B 119 11.85 -24.42 29.75
C THR B 119 13.22 -24.51 29.09
N GLU B 120 13.53 -25.60 28.41
CA GLU B 120 14.80 -25.71 27.68
C GLU B 120 14.58 -26.64 26.49
N SER B 121 15.31 -26.38 25.41
CA SER B 121 15.11 -27.14 24.19
C SER B 121 16.36 -27.11 23.33
N ASP B 122 16.43 -28.07 22.41
CA ASP B 122 17.56 -28.25 21.51
C ASP B 122 17.05 -28.68 20.14
N LYS B 123 17.30 -27.87 19.12
CA LYS B 123 16.91 -28.15 17.73
C LYS B 123 15.41 -28.41 17.61
N PHE B 124 14.61 -27.74 18.42
CA PHE B 124 13.16 -27.92 18.37
C PHE B 124 12.48 -26.69 17.72
N PHE B 125 12.56 -25.53 18.34
CA PHE B 125 12.01 -24.32 17.74
C PHE B 125 12.79 -23.94 16.50
N ILE B 126 12.08 -23.45 15.48
CA ILE B 126 12.65 -23.07 14.20
C ILE B 126 12.59 -21.55 14.08
N ASN B 127 13.69 -20.94 13.66
CA ASN B 127 13.71 -19.49 13.54
C ASN B 127 12.73 -19.03 12.48
N GLY B 128 11.77 -18.20 12.89
CA GLY B 128 10.77 -17.67 11.97
C GLY B 128 9.74 -18.67 11.49
N SER B 129 9.33 -19.62 12.35
CA SER B 129 8.35 -20.62 11.95
C SER B 129 6.92 -20.19 12.22
N ASN B 130 6.73 -19.29 13.17
CA ASN B 130 5.46 -18.73 13.64
C ASN B 130 4.71 -19.66 14.58
N TRP B 131 5.29 -20.79 14.99
CA TRP B 131 4.64 -21.62 16.00
C TRP B 131 5.48 -21.68 17.27
N GLU B 132 4.79 -21.89 18.39
CA GLU B 132 5.40 -21.84 19.71
C GLU B 132 5.17 -23.08 20.56
N GLY B 133 4.51 -24.10 20.04
CA GLY B 133 4.22 -25.31 20.79
C GLY B 133 3.88 -26.44 19.85
N ILE B 134 3.52 -27.59 20.43
CA ILE B 134 3.24 -28.78 19.62
C ILE B 134 2.07 -29.54 20.23
N LEU B 135 1.17 -30.02 19.38
CA LEU B 135 -0.03 -30.72 19.84
C LEU B 135 0.11 -32.18 19.41
N GLY B 136 0.54 -33.03 20.33
CA GLY B 136 0.67 -34.44 20.01
C GLY B 136 -0.67 -35.11 20.00
N LEU B 137 -1.09 -35.61 18.83
CA LEU B 137 -2.46 -36.12 18.68
C LEU B 137 -2.55 -37.64 18.75
N ALA B 138 -1.44 -38.35 18.97
CA ALA B 138 -1.44 -39.81 19.08
C ALA B 138 -1.84 -40.22 20.49
N TYR B 139 -1.64 -41.49 20.84
CA TYR B 139 -2.23 -42.09 22.03
C TYR B 139 -1.30 -42.05 23.25
N ALA B 140 -1.91 -42.22 24.43
CA ALA B 140 -1.23 -42.09 25.71
C ALA B 140 -0.02 -43.02 25.84
N GLU B 141 -0.04 -44.17 25.16
CA GLU B 141 1.03 -45.17 25.31
C GLU B 141 2.43 -44.60 25.03
N ILE B 142 2.55 -43.57 24.19
CA ILE B 142 3.85 -42.97 23.89
C ILE B 142 3.99 -41.57 24.50
N ALA B 143 3.11 -41.19 25.42
CA ALA B 143 3.29 -39.92 26.10
C ALA B 143 4.45 -39.97 27.09
N ARG B 144 5.12 -38.84 27.24
CA ARG B 144 6.12 -38.74 28.30
C ARG B 144 5.54 -37.93 29.45
N PRO B 145 5.91 -38.22 30.72
CA PRO B 145 6.86 -39.27 31.11
C PRO B 145 6.32 -40.71 31.03
N ASP B 146 5.00 -40.90 30.98
CA ASP B 146 4.45 -42.25 30.85
C ASP B 146 3.00 -42.13 30.40
N ASP B 147 2.34 -43.29 30.21
CA ASP B 147 0.98 -43.27 29.69
C ASP B 147 -0.02 -42.78 30.69
N SER B 148 0.35 -42.31 31.88
CA SER B 148 -0.63 -41.73 32.78
C SER B 148 -0.90 -40.28 32.45
N LEU B 149 -0.06 -39.65 31.63
CA LEU B 149 -0.28 -38.27 31.23
C LEU B 149 -1.24 -38.26 30.04
N GLU B 150 -2.53 -38.05 30.31
CA GLU B 150 -3.57 -38.09 29.30
C GLU B 150 -3.35 -37.06 28.19
N PRO B 151 -3.29 -37.48 26.91
CA PRO B 151 -3.11 -36.51 25.82
C PRO B 151 -4.31 -35.61 25.61
N PHE B 152 -4.05 -34.49 24.91
CA PHE B 152 -5.08 -33.47 24.71
C PHE B 152 -6.37 -34.04 24.12
N PHE B 153 -6.27 -34.83 23.04
CA PHE B 153 -7.48 -35.27 22.37
C PHE B 153 -8.31 -36.18 23.26
N ASP B 154 -7.65 -37.01 24.07
CA ASP B 154 -8.40 -37.81 25.04
C ASP B 154 -9.14 -36.90 26.01
N SER B 155 -8.48 -35.84 26.49
CA SER B 155 -9.17 -34.90 27.38
C SER B 155 -10.34 -34.24 26.68
N LEU B 156 -10.12 -33.81 25.42
CA LEU B 156 -11.19 -33.16 24.65
C LEU B 156 -12.40 -34.06 24.52
N VAL B 157 -12.18 -35.32 24.16
CA VAL B 157 -13.26 -36.29 23.98
C VAL B 157 -13.96 -36.58 25.30
N LYS B 158 -13.19 -36.71 26.40
CA LYS B 158 -13.82 -37.06 27.67
C LYS B 158 -14.62 -35.91 28.24
N GLN B 159 -14.17 -34.67 28.05
CA GLN B 159 -14.81 -33.54 28.71
C GLN B 159 -15.91 -32.89 27.89
N THR B 160 -16.03 -33.20 26.61
CA THR B 160 -17.05 -32.60 25.76
C THR B 160 -17.82 -33.65 25.01
N HIS B 161 -18.67 -33.22 24.09
CA HIS B 161 -19.43 -34.13 23.25
C HIS B 161 -18.81 -34.28 21.86
N VAL B 162 -17.59 -33.78 21.66
CA VAL B 162 -16.88 -33.92 20.38
C VAL B 162 -16.71 -35.41 20.05
N PRO B 163 -17.15 -35.86 18.87
CA PRO B 163 -16.90 -37.25 18.47
C PRO B 163 -15.40 -37.56 18.41
N ASN B 164 -15.08 -38.84 18.63
CA ASN B 164 -13.72 -39.31 18.80
C ASN B 164 -13.06 -39.57 17.45
N LEU B 165 -12.85 -38.48 16.72
CA LEU B 165 -12.09 -38.55 15.49
C LEU B 165 -11.75 -37.14 15.04
N PHE B 166 -10.74 -37.04 14.20
CA PHE B 166 -10.37 -35.80 13.56
C PHE B 166 -9.86 -36.15 12.17
N SER B 167 -9.81 -35.16 11.29
CA SER B 167 -9.29 -35.40 9.95
C SER B 167 -8.40 -34.24 9.55
N LEU B 168 -7.39 -34.54 8.74
CA LEU B 168 -6.37 -33.57 8.33
C LEU B 168 -6.31 -33.46 6.82
N GLN B 169 -6.35 -32.22 6.31
CA GLN B 169 -6.11 -31.91 4.90
C GLN B 169 -4.89 -30.99 4.90
N LEU B 170 -3.72 -31.55 4.62
CA LEU B 170 -2.49 -30.77 4.54
C LEU B 170 -2.26 -30.40 3.07
N CYS B 171 -2.18 -29.11 2.77
CA CYS B 171 -1.97 -28.65 1.40
C CYS B 171 -0.53 -28.17 1.25
N GLY B 172 0.14 -28.62 0.18
CA GLY B 172 1.50 -28.21 -0.06
C GLY B 172 1.63 -26.86 -0.74
N ALA B 173 2.84 -26.62 -1.26
CA ALA B 173 3.16 -25.37 -1.95
C ALA B 173 2.97 -25.48 -3.48
N SER B 185 2.84 -19.93 3.57
CA SER B 185 3.30 -20.61 2.37
C SER B 185 2.58 -21.94 2.18
N VAL B 186 2.06 -22.53 3.26
CA VAL B 186 1.17 -23.68 3.19
C VAL B 186 -0.04 -23.43 4.08
N GLY B 187 -1.11 -24.17 3.80
CA GLY B 187 -2.31 -24.09 4.59
C GLY B 187 -2.99 -25.46 4.62
N GLY B 188 -4.12 -25.51 5.30
CA GLY B 188 -4.85 -26.76 5.38
C GLY B 188 -6.02 -26.65 6.33
N SER B 189 -6.63 -27.80 6.63
CA SER B 189 -7.76 -27.86 7.55
C SER B 189 -7.58 -29.02 8.49
N MET B 190 -7.88 -28.79 9.76
CA MET B 190 -7.99 -29.84 10.76
C MET B 190 -9.44 -29.83 11.21
N ILE B 191 -10.21 -30.81 10.75
CA ILE B 191 -11.60 -30.94 11.15
C ILE B 191 -11.63 -31.76 12.42
N ILE B 192 -11.90 -31.12 13.56
CA ILE B 192 -11.96 -31.79 14.85
C ILE B 192 -13.38 -32.29 15.08
N GLY B 193 -13.54 -33.61 15.21
CA GLY B 193 -14.83 -34.18 15.50
C GLY B 193 -15.60 -34.74 14.31
N GLY B 194 -15.02 -34.74 13.10
CA GLY B 194 -15.77 -35.27 11.98
C GLY B 194 -15.04 -35.17 10.66
N ILE B 195 -15.82 -35.37 9.60
CA ILE B 195 -15.31 -35.44 8.23
C ILE B 195 -16.04 -34.38 7.41
N ASP B 196 -15.29 -33.54 6.69
CA ASP B 196 -15.88 -32.47 5.87
C ASP B 196 -15.79 -32.89 4.41
N HIS B 197 -16.96 -33.09 3.78
CA HIS B 197 -16.99 -33.60 2.42
C HIS B 197 -16.43 -32.65 1.38
N SER B 198 -16.31 -31.36 1.68
CA SER B 198 -15.73 -30.45 0.71
C SER B 198 -14.22 -30.58 0.62
N LEU B 199 -13.58 -31.35 1.50
CA LEU B 199 -12.14 -31.46 1.49
C LEU B 199 -11.61 -32.63 0.66
N TYR B 200 -12.47 -33.47 0.07
CA TYR B 200 -11.93 -34.57 -0.70
C TYR B 200 -12.84 -34.91 -1.87
N THR B 201 -12.30 -35.67 -2.83
CA THR B 201 -13.07 -36.23 -3.93
C THR B 201 -12.94 -37.75 -3.94
N GLY B 202 -13.89 -38.40 -4.62
CA GLY B 202 -13.86 -39.84 -4.68
C GLY B 202 -14.21 -40.45 -3.34
N SER B 203 -13.81 -41.70 -3.17
CA SER B 203 -14.18 -42.46 -1.97
C SER B 203 -13.08 -42.45 -0.91
N LEU B 204 -13.51 -42.62 0.34
CA LEU B 204 -12.63 -42.86 1.47
C LEU B 204 -12.31 -44.35 1.56
N TRP B 205 -11.03 -44.70 1.73
CA TRP B 205 -10.57 -46.07 1.90
C TRP B 205 -9.91 -46.20 3.27
N TYR B 206 -10.25 -47.24 4.02
CA TYR B 206 -9.81 -47.32 5.40
C TYR B 206 -8.83 -48.47 5.63
N THR B 207 -7.81 -48.19 6.47
CA THR B 207 -6.83 -49.17 6.90
C THR B 207 -6.87 -49.24 8.42
N PRO B 208 -6.77 -50.42 9.02
CA PRO B 208 -6.90 -50.51 10.47
C PRO B 208 -5.74 -49.84 11.17
N ILE B 209 -6.04 -49.20 12.29
CA ILE B 209 -4.99 -48.83 13.21
C ILE B 209 -4.55 -50.11 13.91
N ARG B 210 -3.33 -50.55 13.66
CA ARG B 210 -2.87 -51.85 14.17
C ARG B 210 -2.88 -51.86 15.69
N ARG B 211 -2.37 -50.80 16.30
CA ARG B 211 -2.26 -50.68 17.74
C ARG B 211 -2.30 -49.19 18.07
N GLU B 212 -2.97 -48.84 19.16
CA GLU B 212 -3.15 -47.44 19.54
C GLU B 212 -1.96 -46.99 20.39
N TRP B 213 -0.90 -46.59 19.70
CA TRP B 213 0.19 -45.89 20.38
C TRP B 213 0.58 -44.76 19.44
N TYR B 214 1.41 -45.04 18.44
CA TYR B 214 1.40 -44.22 17.24
C TYR B 214 0.12 -44.52 16.47
N TYR B 215 -0.11 -43.77 15.39
CA TYR B 215 -1.12 -44.20 14.43
C TYR B 215 -0.44 -45.23 13.54
N GLU B 216 -0.42 -46.47 14.03
CA GLU B 216 0.33 -47.53 13.36
C GLU B 216 -0.57 -48.22 12.36
N VAL B 217 -0.05 -48.42 11.15
CA VAL B 217 -0.76 -49.09 10.05
C VAL B 217 0.16 -50.16 9.48
N ILE B 218 -0.38 -50.95 8.56
CA ILE B 218 0.40 -52.02 7.93
C ILE B 218 0.46 -51.81 6.40
N ILE B 219 1.66 -51.67 5.88
CA ILE B 219 1.91 -51.58 4.44
C ILE B 219 2.10 -53.01 3.94
N VAL B 220 1.31 -53.42 2.96
CA VAL B 220 1.33 -54.82 2.52
C VAL B 220 2.01 -55.00 1.18
N ARG B 221 2.34 -53.93 0.48
CA ARG B 221 3.04 -54.05 -0.79
C ARG B 221 3.46 -52.65 -1.22
N VAL B 222 4.58 -52.57 -1.93
CA VAL B 222 5.11 -51.32 -2.46
C VAL B 222 5.47 -51.50 -3.92
N GLU B 223 5.07 -50.53 -4.76
CA GLU B 223 5.44 -50.51 -6.16
C GLU B 223 6.04 -49.15 -6.49
N ILE B 224 7.05 -49.16 -7.34
CA ILE B 224 7.64 -47.94 -7.87
C ILE B 224 7.67 -48.08 -9.39
N ASN B 225 7.13 -47.09 -10.09
CA ASN B 225 7.04 -47.13 -11.54
C ASN B 225 6.25 -48.36 -12.00
N GLY B 226 5.23 -48.73 -11.23
CA GLY B 226 4.42 -49.88 -11.56
C GLY B 226 5.06 -51.22 -11.28
N GLN B 227 6.28 -51.24 -10.75
CA GLN B 227 7.03 -52.47 -10.50
C GLN B 227 7.08 -52.78 -9.01
N ASP B 228 6.71 -54.02 -8.66
CA ASP B 228 6.78 -54.46 -7.28
C ASP B 228 8.22 -54.54 -6.80
N LEU B 229 8.47 -54.04 -5.58
CA LEU B 229 9.81 -54.12 -4.99
C LEU B 229 10.23 -55.55 -4.66
N LYS B 230 9.29 -56.51 -4.67
CA LYS B 230 9.59 -57.93 -4.48
C LYS B 230 10.40 -58.16 -3.21
N MET B 231 9.90 -57.61 -2.10
CA MET B 231 10.49 -57.74 -0.79
C MET B 231 9.52 -58.46 0.14
N ASP B 232 10.06 -59.08 1.20
CA ASP B 232 9.20 -59.56 2.29
C ASP B 232 8.46 -58.34 2.86
N CYS B 233 7.12 -58.38 2.83
CA CYS B 233 6.35 -57.20 3.23
C CYS B 233 6.57 -56.81 4.69
N LYS B 234 7.13 -57.70 5.52
CA LYS B 234 7.55 -57.30 6.87
C LYS B 234 8.59 -56.20 6.81
N GLU B 235 9.42 -56.18 5.76
CA GLU B 235 10.45 -55.15 5.60
C GLU B 235 9.85 -53.76 5.51
N TYR B 236 8.64 -53.63 4.92
CA TYR B 236 7.99 -52.34 4.80
C TYR B 236 7.58 -51.78 6.16
N ASN B 237 7.37 -52.64 7.17
CA ASN B 237 6.87 -52.23 8.48
C ASN B 237 7.85 -52.54 9.59
N TYR B 238 9.14 -52.55 9.27
CA TYR B 238 10.17 -52.91 10.21
C TYR B 238 10.78 -51.60 10.71
N ASP B 239 10.55 -51.28 11.97
CA ASP B 239 9.85 -52.13 12.94
C ASP B 239 8.38 -51.69 13.20
N LYS B 240 7.92 -50.72 12.42
CA LYS B 240 6.56 -50.20 12.45
C LYS B 240 6.40 -49.24 11.28
N SER B 241 5.14 -48.94 10.95
CA SER B 241 4.80 -47.92 9.95
C SER B 241 3.78 -47.00 10.59
N ILE B 242 4.00 -45.69 10.50
CA ILE B 242 3.12 -44.75 11.19
C ILE B 242 2.72 -43.62 10.26
N VAL B 243 1.58 -43.00 10.59
CA VAL B 243 1.10 -41.82 9.89
C VAL B 243 1.38 -40.60 10.76
N ASP B 244 2.23 -39.69 10.27
CA ASP B 244 2.88 -38.69 11.12
C ASP B 244 2.91 -37.31 10.46
N SER B 245 1.95 -36.44 10.80
CA SER B 245 1.91 -35.10 10.24
C SER B 245 3.01 -34.18 10.78
N GLY B 246 3.71 -34.58 11.83
CA GLY B 246 4.82 -33.88 12.43
C GLY B 246 6.16 -34.21 11.81
N THR B 247 6.18 -35.06 10.78
CA THR B 247 7.38 -35.40 10.05
C THR B 247 7.24 -34.92 8.61
N THR B 248 8.26 -34.22 8.12
CA THR B 248 8.18 -33.71 6.75
C THR B 248 8.23 -34.84 5.73
N ASN B 249 9.24 -35.69 5.81
CA ASN B 249 9.53 -36.61 4.72
C ASN B 249 8.74 -37.91 4.84
N LEU B 250 8.80 -38.68 3.76
CA LEU B 250 8.54 -40.11 3.82
C LEU B 250 9.84 -40.78 4.26
N ARG B 251 9.80 -41.44 5.41
CA ARG B 251 10.98 -42.09 5.95
C ARG B 251 10.79 -43.60 5.76
N LEU B 252 11.83 -44.26 5.26
CA LEU B 252 11.75 -45.67 4.93
C LEU B 252 12.82 -46.47 5.67
N PRO B 253 12.52 -47.69 6.08
CA PRO B 253 13.57 -48.55 6.64
C PRO B 253 14.69 -48.76 5.64
N LYS B 254 15.91 -48.93 6.17
CA LYS B 254 17.14 -49.00 5.37
C LYS B 254 17.02 -49.83 4.09
N LYS B 255 16.61 -51.11 4.21
CA LYS B 255 16.53 -51.97 3.03
C LYS B 255 15.53 -51.41 2.02
N VAL B 256 14.39 -50.92 2.48
CA VAL B 256 13.39 -50.37 1.57
C VAL B 256 13.88 -49.06 0.96
N PHE B 257 14.52 -48.21 1.77
CA PHE B 257 15.07 -46.94 1.27
C PHE B 257 16.05 -47.19 0.12
N GLU B 258 17.02 -48.08 0.32
CA GLU B 258 18.02 -48.33 -0.72
C GLU B 258 17.37 -48.83 -2.00
N ALA B 259 16.40 -49.75 -1.88
CA ALA B 259 15.70 -50.25 -3.05
C ALA B 259 14.88 -49.14 -3.72
N ALA B 260 14.25 -48.27 -2.92
CA ALA B 260 13.47 -47.19 -3.51
C ALA B 260 14.37 -46.19 -4.23
N VAL B 261 15.50 -45.83 -3.62
CA VAL B 261 16.43 -44.91 -4.28
C VAL B 261 16.98 -45.53 -5.57
N LYS B 262 17.33 -46.82 -5.52
CA LYS B 262 17.80 -47.50 -6.73
C LYS B 262 16.77 -47.44 -7.85
N SER B 263 15.50 -47.70 -7.52
CA SER B 263 14.45 -47.66 -8.54
C SER B 263 14.21 -46.25 -9.05
N ILE B 264 14.18 -45.27 -8.15
CA ILE B 264 13.97 -43.90 -8.59
C ILE B 264 15.15 -43.41 -9.41
N LYS B 265 16.38 -43.78 -9.03
CA LYS B 265 17.55 -43.40 -9.81
C LYS B 265 17.47 -43.92 -11.25
N ALA B 266 17.17 -45.21 -11.41
CA ALA B 266 17.13 -45.80 -12.75
C ALA B 266 16.07 -45.13 -13.62
N ALA B 267 14.90 -44.84 -13.05
CA ALA B 267 13.84 -44.20 -13.82
C ALA B 267 14.23 -42.80 -14.27
N SER B 268 15.12 -42.14 -13.53
CA SER B 268 15.48 -40.76 -13.81
C SER B 268 16.91 -40.64 -14.34
N SER B 269 17.46 -41.73 -14.89
CA SER B 269 18.85 -41.74 -15.35
C SER B 269 19.15 -40.68 -16.43
N THR B 270 18.14 -40.23 -17.19
CA THR B 270 18.39 -39.22 -18.22
C THR B 270 19.01 -37.95 -17.66
N GLU B 271 18.97 -37.76 -16.34
CA GLU B 271 19.66 -36.67 -15.67
C GLU B 271 20.33 -37.27 -14.44
N LYS B 272 21.55 -36.84 -14.17
CA LYS B 272 22.27 -37.37 -13.02
C LYS B 272 22.34 -36.30 -11.94
N PHE B 273 22.18 -36.73 -10.70
CA PHE B 273 22.17 -35.84 -9.57
C PHE B 273 23.27 -36.22 -8.60
N PRO B 274 23.90 -35.24 -7.95
CA PRO B 274 24.92 -35.57 -6.95
C PRO B 274 24.34 -36.48 -5.89
N ASP B 275 25.17 -37.39 -5.37
CA ASP B 275 24.67 -38.33 -4.37
C ASP B 275 24.12 -37.60 -3.16
N GLY B 276 24.67 -36.43 -2.82
CA GLY B 276 24.12 -35.65 -1.73
C GLY B 276 22.68 -35.22 -1.97
N PHE B 277 22.25 -35.18 -3.24
CA PHE B 277 20.83 -34.95 -3.52
C PHE B 277 20.00 -36.08 -2.93
N TRP B 278 20.40 -37.32 -3.20
CA TRP B 278 19.71 -38.51 -2.72
C TRP B 278 19.79 -38.67 -1.21
N LEU B 279 20.55 -37.81 -0.54
CA LEU B 279 20.63 -37.79 0.91
C LEU B 279 19.77 -36.70 1.54
N GLY B 280 19.01 -35.96 0.72
CA GLY B 280 18.18 -34.87 1.22
C GLY B 280 18.95 -33.62 1.57
N GLU B 281 20.23 -33.57 1.21
CA GLU B 281 21.10 -32.43 1.50
C GLU B 281 21.07 -31.43 0.35
N GLN B 282 21.68 -31.79 -0.78
CA GLN B 282 21.72 -30.91 -1.94
C GLN B 282 20.34 -30.80 -2.59
N LEU B 283 20.10 -29.64 -3.18
CA LEU B 283 18.85 -29.37 -3.90
C LEU B 283 19.16 -29.17 -5.37
N VAL B 284 18.43 -29.87 -6.22
CA VAL B 284 18.59 -29.80 -7.68
C VAL B 284 17.68 -28.69 -8.20
N CYS B 285 18.10 -28.06 -9.30
CA CYS B 285 17.34 -26.94 -9.87
C CYS B 285 17.18 -27.10 -11.37
N TRP B 286 16.13 -26.47 -11.89
CA TRP B 286 15.83 -26.44 -13.31
C TRP B 286 15.23 -25.08 -13.64
N GLN B 287 15.26 -24.72 -14.92
CA GLN B 287 14.68 -23.44 -15.34
C GLN B 287 13.20 -23.41 -14.97
N ALA B 288 12.80 -22.31 -14.30
CA ALA B 288 11.44 -22.10 -13.83
C ALA B 288 10.38 -22.62 -14.80
N GLY B 289 9.68 -23.67 -14.40
CA GLY B 289 8.63 -24.25 -15.23
C GLY B 289 9.07 -25.30 -16.20
N THR B 290 10.30 -25.81 -16.08
CA THR B 290 10.81 -26.86 -16.96
C THR B 290 11.16 -28.13 -16.19
N THR B 291 10.72 -28.25 -14.95
CA THR B 291 10.96 -29.42 -14.11
C THR B 291 10.55 -30.69 -14.87
N PRO B 292 11.45 -31.65 -15.03
CA PRO B 292 11.14 -32.88 -15.81
C PRO B 292 10.40 -33.92 -14.97
N TRP B 293 9.17 -33.58 -14.57
CA TRP B 293 8.40 -34.46 -13.70
C TRP B 293 8.29 -35.87 -14.26
N ASN B 294 8.05 -35.98 -15.57
CA ASN B 294 7.76 -37.24 -16.23
C ASN B 294 8.87 -38.28 -16.06
N ILE B 295 10.10 -37.87 -15.77
CA ILE B 295 11.18 -38.84 -15.62
C ILE B 295 11.21 -39.47 -14.24
N PHE B 296 10.47 -38.91 -13.27
CA PHE B 296 10.40 -39.46 -11.92
C PHE B 296 9.17 -40.34 -11.75
N PRO B 297 9.32 -41.55 -11.22
CA PRO B 297 8.19 -42.49 -11.15
C PRO B 297 7.24 -42.18 -9.99
N VAL B 298 6.05 -42.79 -10.08
CA VAL B 298 5.07 -42.77 -8.99
C VAL B 298 5.39 -43.90 -8.04
N ILE B 299 5.07 -43.69 -6.77
CA ILE B 299 5.23 -44.68 -5.71
C ILE B 299 3.84 -45.07 -5.23
N SER B 300 3.53 -46.35 -5.27
CA SER B 300 2.25 -46.84 -4.78
C SER B 300 2.47 -47.59 -3.47
N LEU B 301 1.77 -47.17 -2.41
CA LEU B 301 1.80 -47.88 -1.14
C LEU B 301 0.46 -48.61 -1.00
N TYR B 302 0.51 -49.93 -0.89
CA TYR B 302 -0.69 -50.70 -0.63
C TYR B 302 -0.84 -50.87 0.87
N LEU B 303 -2.02 -50.55 1.38
CA LEU B 303 -2.34 -50.62 2.79
C LEU B 303 -3.35 -51.72 3.04
N MET B 304 -3.21 -52.37 4.18
CA MET B 304 -4.20 -53.35 4.61
C MET B 304 -5.59 -52.73 4.64
N GLY B 305 -6.56 -53.46 4.08
CA GLY B 305 -7.94 -53.02 4.02
C GLY B 305 -8.78 -53.49 5.19
N GLU B 306 -10.10 -53.31 5.04
CA GLU B 306 -11.11 -53.68 6.04
C GLU B 306 -11.76 -55.04 5.89
N VAL B 307 -11.69 -55.71 4.73
CA VAL B 307 -12.28 -57.04 4.59
C VAL B 307 -11.18 -58.05 4.25
N THR B 308 -11.54 -59.33 4.38
CA THR B 308 -10.57 -60.40 4.22
C THR B 308 -9.84 -60.30 2.87
N ASN B 309 -8.51 -60.38 2.92
CA ASN B 309 -7.65 -60.43 1.74
C ASN B 309 -7.80 -59.20 0.84
N GLN B 310 -8.27 -58.09 1.39
CA GLN B 310 -8.51 -56.89 0.60
C GLN B 310 -7.61 -55.76 1.07
N SER B 311 -6.95 -55.14 0.12
CA SER B 311 -6.11 -53.97 0.30
C SER B 311 -6.57 -52.84 -0.63
N PHE B 312 -5.86 -51.71 -0.54
CA PHE B 312 -6.04 -50.58 -1.44
C PHE B 312 -4.69 -49.89 -1.51
N ARG B 313 -4.57 -48.96 -2.45
CA ARG B 313 -3.31 -48.27 -2.62
C ARG B 313 -3.50 -46.75 -2.68
N ILE B 314 -2.47 -46.06 -2.23
CA ILE B 314 -2.33 -44.64 -2.44
C ILE B 314 -1.11 -44.45 -3.32
N THR B 315 -1.23 -43.54 -4.28
CA THR B 315 -0.16 -43.30 -5.25
C THR B 315 0.41 -41.92 -5.03
N ILE B 316 1.73 -41.87 -4.95
CA ILE B 316 2.48 -40.65 -4.64
C ILE B 316 3.17 -40.17 -5.91
N LEU B 317 2.95 -38.90 -6.26
CA LEU B 317 3.58 -38.28 -7.41
C LEU B 317 4.92 -37.67 -7.04
N PRO B 318 5.82 -37.49 -8.02
CA PRO B 318 7.08 -36.78 -7.73
C PRO B 318 6.88 -35.38 -7.15
N GLN B 319 5.77 -34.72 -7.48
CA GLN B 319 5.47 -33.42 -6.89
C GLN B 319 5.32 -33.50 -5.38
N GLN B 320 5.21 -34.69 -4.81
CA GLN B 320 5.14 -34.87 -3.37
C GLN B 320 6.50 -35.18 -2.75
N TYR B 321 7.29 -36.07 -3.36
CA TYR B 321 8.54 -36.44 -2.73
C TYR B 321 9.72 -35.62 -3.25
N LEU B 322 9.48 -34.58 -4.03
CA LEU B 322 10.47 -33.57 -4.41
C LEU B 322 9.94 -32.27 -3.82
N ARG B 323 10.35 -31.97 -2.60
CA ARG B 323 9.82 -30.81 -1.89
C ARG B 323 10.39 -29.53 -2.48
N PRO B 324 9.55 -28.55 -2.83
CA PRO B 324 10.09 -27.30 -3.35
C PRO B 324 10.72 -26.49 -2.24
N VAL B 325 11.87 -25.88 -2.53
CA VAL B 325 12.61 -25.11 -1.55
C VAL B 325 13.01 -23.78 -2.17
N GLU B 326 12.80 -22.70 -1.43
CA GLU B 326 13.17 -21.36 -1.88
C GLU B 326 14.69 -21.22 -1.99
N ASP B 327 15.17 -20.78 -3.16
CA ASP B 327 16.60 -20.56 -3.36
C ASP B 327 16.78 -19.25 -4.13
N VAL B 328 16.61 -18.14 -3.41
CA VAL B 328 16.82 -16.81 -3.99
C VAL B 328 18.25 -16.66 -4.48
N ALA B 329 19.19 -17.37 -3.84
CA ALA B 329 20.62 -17.20 -4.09
C ALA B 329 20.99 -17.40 -5.56
N THR B 330 20.71 -18.56 -6.13
CA THR B 330 21.14 -18.79 -7.51
C THR B 330 20.35 -17.93 -8.50
N SER B 331 19.08 -18.26 -8.74
CA SER B 331 18.22 -17.49 -9.62
C SER B 331 16.80 -18.01 -9.45
N GLN B 332 15.84 -17.29 -10.03
CA GLN B 332 14.43 -17.68 -9.96
C GLN B 332 14.15 -18.99 -10.72
N ASP B 333 14.89 -20.03 -10.37
CA ASP B 333 14.74 -21.37 -10.95
C ASP B 333 14.06 -22.30 -9.95
N ASP B 334 13.35 -23.29 -10.49
CA ASP B 334 12.67 -24.25 -9.63
C ASP B 334 13.69 -25.19 -9.00
N CYS B 335 13.77 -25.17 -7.66
CA CYS B 335 14.70 -26.02 -6.93
C CYS B 335 13.92 -26.89 -5.96
N TYR B 336 14.37 -28.12 -5.77
CA TYR B 336 13.67 -29.09 -4.93
C TYR B 336 14.65 -29.88 -4.09
N LYS B 337 14.14 -30.48 -3.01
CA LYS B 337 14.90 -31.41 -2.19
C LYS B 337 14.23 -32.77 -2.22
N PHE B 338 15.05 -33.82 -2.29
CA PHE B 338 14.57 -35.19 -2.20
C PHE B 338 13.99 -35.38 -0.79
N ALA B 339 12.66 -35.56 -0.71
CA ALA B 339 11.97 -35.65 0.58
C ALA B 339 11.70 -37.09 1.01
N ILE B 340 12.59 -38.02 0.65
CA ILE B 340 12.53 -39.39 1.10
C ILE B 340 13.85 -39.66 1.81
N SER B 341 13.80 -39.96 3.10
CA SER B 341 15.02 -40.22 3.83
C SER B 341 14.99 -41.57 4.53
N GLN B 342 16.18 -42.00 4.93
CA GLN B 342 16.38 -43.30 5.54
C GLN B 342 15.98 -43.26 7.01
N SER B 343 15.41 -44.36 7.48
CA SER B 343 14.94 -44.45 8.84
C SER B 343 15.51 -45.70 9.49
N SER B 344 15.69 -45.64 10.81
CA SER B 344 16.03 -46.84 11.58
C SER B 344 14.93 -47.20 12.57
N THR B 345 13.79 -46.53 12.49
CA THR B 345 12.68 -46.74 13.42
C THR B 345 11.38 -46.98 12.67
N GLY B 346 11.47 -47.56 11.49
CA GLY B 346 10.29 -47.92 10.73
C GLY B 346 9.90 -46.88 9.69
N THR B 347 8.82 -47.16 8.99
CA THR B 347 8.31 -46.24 7.99
C THR B 347 7.59 -45.08 8.68
N VAL B 348 7.82 -43.88 8.18
CA VAL B 348 7.05 -42.71 8.59
C VAL B 348 6.35 -42.15 7.37
N MET B 349 5.04 -42.18 7.36
CA MET B 349 4.25 -41.53 6.31
C MET B 349 4.05 -40.09 6.76
N GLY B 350 5.00 -39.23 6.36
CA GLY B 350 5.02 -37.84 6.78
C GLY B 350 4.16 -36.96 5.91
N ALA B 351 4.39 -35.64 6.02
CA ALA B 351 3.60 -34.64 5.32
C ALA B 351 3.62 -34.84 3.81
N VAL B 352 4.78 -35.20 3.24
CA VAL B 352 4.84 -35.29 1.78
C VAL B 352 3.93 -36.39 1.27
N ILE B 353 3.65 -37.39 2.11
CA ILE B 353 2.65 -38.40 1.78
C ILE B 353 1.25 -37.85 2.03
N MET B 354 1.04 -37.23 3.20
CA MET B 354 -0.31 -36.80 3.59
C MET B 354 -0.84 -35.66 2.72
N GLU B 355 0.02 -34.79 2.21
CA GLU B 355 -0.38 -33.74 1.29
C GLU B 355 -1.01 -34.38 0.06
N GLY B 356 -2.08 -33.80 -0.45
CA GLY B 356 -2.69 -34.50 -1.55
C GLY B 356 -3.60 -35.67 -1.16
N PHE B 357 -3.67 -36.03 0.12
CA PHE B 357 -4.75 -36.87 0.60
C PHE B 357 -5.49 -36.15 1.72
N TYR B 358 -6.74 -36.51 1.87
CA TYR B 358 -7.53 -36.19 3.03
C TYR B 358 -7.46 -37.41 3.93
N VAL B 359 -6.92 -37.24 5.15
CA VAL B 359 -6.60 -38.35 6.03
C VAL B 359 -7.51 -38.27 7.26
N VAL B 360 -8.29 -39.33 7.49
CA VAL B 360 -9.28 -39.39 8.56
C VAL B 360 -8.72 -40.25 9.68
N PHE B 361 -8.53 -39.67 10.85
CA PHE B 361 -8.05 -40.41 12.02
C PHE B 361 -9.29 -40.84 12.82
N ASP B 362 -9.86 -41.98 12.42
CA ASP B 362 -11.12 -42.45 13.00
C ASP B 362 -10.79 -43.29 14.22
N ARG B 363 -10.47 -42.60 15.32
CA ARG B 363 -10.11 -43.29 16.55
C ARG B 363 -11.26 -44.17 17.04
N ALA B 364 -12.51 -43.70 16.90
CA ALA B 364 -13.66 -44.46 17.39
C ALA B 364 -13.75 -45.83 16.74
N ARG B 365 -13.39 -45.93 15.47
CA ARG B 365 -13.48 -47.23 14.80
C ARG B 365 -12.10 -47.80 14.51
N LYS B 366 -11.06 -47.29 15.17
CA LYS B 366 -9.68 -47.80 15.10
C LYS B 366 -9.22 -47.96 13.65
N ARG B 367 -9.35 -46.89 12.87
CA ARG B 367 -9.00 -46.97 11.47
C ARG B 367 -8.61 -45.60 10.94
N ILE B 368 -7.88 -45.63 9.84
CA ILE B 368 -7.41 -44.41 9.18
C ILE B 368 -7.90 -44.42 7.74
N GLY B 369 -8.57 -43.34 7.35
CA GLY B 369 -9.12 -43.21 6.00
C GLY B 369 -8.29 -42.28 5.14
N PHE B 370 -8.21 -42.64 3.87
CA PHE B 370 -7.50 -41.87 2.87
C PHE B 370 -8.46 -41.62 1.71
N ALA B 371 -8.46 -40.39 1.20
CA ALA B 371 -9.17 -40.03 -0.02
C ALA B 371 -8.36 -38.94 -0.71
N VAL B 372 -8.52 -38.83 -2.04
CA VAL B 372 -7.82 -37.78 -2.76
C VAL B 372 -8.20 -36.41 -2.21
N SER B 373 -7.19 -35.59 -1.95
CA SER B 373 -7.45 -34.27 -1.39
C SER B 373 -8.05 -33.32 -2.43
N ALA B 374 -8.87 -32.38 -1.97
CA ALA B 374 -9.34 -31.32 -2.84
C ALA B 374 -8.25 -30.32 -3.19
N CYS B 375 -7.15 -30.28 -2.43
CA CYS B 375 -5.98 -29.45 -2.76
C CYS B 375 -4.84 -30.37 -3.21
N HIS B 376 -5.08 -31.09 -4.28
CA HIS B 376 -4.16 -32.06 -4.86
C HIS B 376 -3.27 -31.39 -5.90
N VAL B 377 -1.95 -31.30 -5.61
CA VAL B 377 -0.97 -30.68 -6.51
C VAL B 377 -0.64 -31.62 -7.66
N HIS B 378 -1.19 -31.35 -8.85
CA HIS B 378 -0.95 -32.20 -10.01
C HIS B 378 -0.44 -31.46 -11.22
N ASP B 379 0.07 -32.27 -12.14
CA ASP B 379 0.57 -31.77 -13.40
C ASP B 379 -0.50 -31.94 -14.47
N GLU B 380 -0.11 -32.56 -15.55
CA GLU B 380 -0.89 -32.66 -16.76
C GLU B 380 -1.21 -34.09 -17.13
N PHE B 381 -0.35 -35.05 -16.77
CA PHE B 381 -0.48 -36.41 -17.27
C PHE B 381 -0.80 -37.46 -16.21
N ARG B 382 -0.49 -37.22 -14.94
CA ARG B 382 -0.70 -38.19 -13.88
C ARG B 382 -1.38 -37.53 -12.68
N THR B 383 -1.96 -38.36 -11.82
CA THR B 383 -2.62 -37.80 -10.65
C THR B 383 -2.49 -38.75 -9.46
N ALA B 384 -2.25 -38.19 -8.29
CA ALA B 384 -2.28 -38.97 -7.06
C ALA B 384 -3.65 -39.60 -6.90
N ALA B 385 -3.68 -40.79 -6.31
CA ALA B 385 -4.91 -41.55 -6.32
C ALA B 385 -4.99 -42.41 -5.08
N VAL B 386 -6.22 -42.82 -4.79
CA VAL B 386 -6.55 -43.79 -3.77
C VAL B 386 -7.45 -44.80 -4.49
N GLU B 387 -6.95 -46.01 -4.70
CA GLU B 387 -7.63 -46.98 -5.57
C GLU B 387 -7.78 -48.30 -4.85
N GLY B 388 -8.91 -48.95 -5.09
CA GLY B 388 -9.20 -50.25 -4.53
C GLY B 388 -10.43 -50.78 -5.21
N PRO B 389 -10.84 -52.03 -4.89
CA PRO B 389 -10.10 -52.88 -3.96
C PRO B 389 -9.00 -53.63 -4.68
N PHE B 390 -8.02 -54.14 -3.95
CA PHE B 390 -7.04 -55.06 -4.48
C PHE B 390 -7.08 -56.29 -3.58
N VAL B 391 -6.57 -57.42 -4.09
CA VAL B 391 -6.44 -58.64 -3.29
C VAL B 391 -5.01 -58.83 -2.83
N THR B 392 -4.83 -59.07 -1.54
CA THR B 392 -3.51 -59.33 -0.98
C THR B 392 -3.72 -60.42 0.06
N LEU B 393 -2.93 -61.49 -0.03
CA LEU B 393 -3.03 -62.58 0.94
C LEU B 393 -2.12 -62.35 2.13
N ASP B 394 -2.46 -62.97 3.27
CA ASP B 394 -1.62 -62.98 4.48
C ASP B 394 -1.22 -61.58 4.91
N MET B 395 -2.18 -60.65 4.91
CA MET B 395 -1.84 -59.26 5.19
C MET B 395 -1.29 -59.10 6.61
N GLU B 396 -1.83 -59.85 7.57
CA GLU B 396 -1.36 -59.74 8.95
C GLU B 396 0.12 -60.07 9.09
N ASP B 397 0.64 -61.01 8.28
CA ASP B 397 2.05 -61.37 8.37
C ASP B 397 2.96 -60.22 7.95
N CYS B 398 2.42 -59.18 7.32
CA CYS B 398 3.26 -58.06 6.96
C CYS B 398 3.62 -57.25 8.18
N GLY B 399 2.90 -57.46 9.29
CA GLY B 399 3.18 -56.75 10.52
C GLY B 399 4.39 -57.35 11.21
N TYR B 400 5.30 -56.49 11.64
CA TYR B 400 6.49 -56.91 12.36
C TYR B 400 6.19 -57.12 13.84
N ASN B 401 6.88 -58.11 14.43
CA ASN B 401 6.76 -58.40 15.86
C ASN B 401 8.13 -58.43 16.56
N SER C 14 36.13 31.11 -3.72
CA SER C 14 35.95 31.15 -2.27
C SER C 14 34.59 31.72 -1.88
N PHE C 15 33.54 30.90 -1.98
CA PHE C 15 32.20 31.37 -1.65
C PHE C 15 31.93 31.43 -0.15
N VAL C 16 32.77 30.80 0.69
CA VAL C 16 32.52 30.82 2.12
C VAL C 16 32.52 32.25 2.64
N GLU C 17 33.30 33.14 2.02
CA GLU C 17 33.39 34.54 2.42
C GLU C 17 32.10 35.32 2.13
N MET C 18 31.19 34.77 1.35
CA MET C 18 29.94 35.44 1.07
C MET C 18 28.76 34.84 1.81
N VAL C 19 28.94 33.69 2.46
CA VAL C 19 27.84 33.12 3.22
C VAL C 19 27.41 34.09 4.31
N ASP C 20 26.09 34.22 4.48
CA ASP C 20 25.51 35.02 5.57
C ASP C 20 25.84 36.50 5.42
N ASN C 21 26.01 36.99 4.19
CA ASN C 21 26.37 38.39 3.97
C ASN C 21 25.13 39.28 3.85
N LEU C 22 23.94 38.75 4.05
CA LEU C 22 22.70 39.52 3.96
C LEU C 22 22.06 39.65 5.32
N ARG C 23 21.50 40.81 5.59
CA ARG C 23 20.78 41.09 6.82
C ARG C 23 19.49 41.82 6.50
N GLY C 24 18.73 42.09 7.54
CA GLY C 24 17.54 42.90 7.39
C GLY C 24 16.61 42.72 8.57
N LYS C 25 15.56 43.53 8.56
CA LYS C 25 14.49 43.40 9.53
C LYS C 25 13.27 42.85 8.80
N SER C 26 12.50 42.04 9.53
CA SER C 26 11.33 41.39 8.95
C SER C 26 10.45 42.40 8.21
N GLY C 27 10.15 42.09 6.95
CA GLY C 27 9.32 42.91 6.11
C GLY C 27 9.93 44.20 5.62
N GLN C 28 11.20 44.48 5.92
CA GLN C 28 11.84 45.70 5.49
C GLN C 28 12.97 45.46 4.48
N GLY C 29 13.06 44.25 3.93
CA GLY C 29 13.97 43.90 2.86
C GLY C 29 15.30 43.36 3.35
N TYR C 30 15.98 42.66 2.43
CA TYR C 30 17.32 42.09 2.66
C TYR C 30 18.34 43.01 2.03
N TYR C 31 19.42 43.30 2.75
CA TYR C 31 20.45 44.22 2.27
C TYR C 31 21.84 43.61 2.41
N VAL C 32 22.74 44.09 1.57
CA VAL C 32 24.14 43.69 1.57
C VAL C 32 24.98 44.94 1.76
N GLU C 33 26.14 44.79 2.37
CA GLU C 33 27.00 45.94 2.59
C GLU C 33 27.83 46.25 1.34
N MET C 34 27.93 47.54 1.03
CA MET C 34 28.71 47.98 -0.12
C MET C 34 29.51 49.21 0.26
N THR C 35 30.48 49.55 -0.58
CA THR C 35 31.20 50.80 -0.44
C THR C 35 31.14 51.52 -1.77
N VAL C 36 31.03 52.85 -1.71
CA VAL C 36 31.04 53.70 -2.89
C VAL C 36 32.03 54.84 -2.65
N GLY C 37 32.78 55.18 -3.70
CA GLY C 37 33.67 56.33 -3.66
C GLY C 37 35.06 56.04 -3.14
N SER C 38 35.90 57.08 -3.21
CA SER C 38 37.29 57.03 -2.73
C SER C 38 37.50 58.25 -1.86
N PRO C 39 37.79 58.10 -0.56
CA PRO C 39 37.85 56.84 0.20
C PRO C 39 36.47 56.17 0.32
N PRO C 40 36.45 54.86 0.49
CA PRO C 40 35.18 54.12 0.45
C PRO C 40 34.17 54.59 1.50
N GLN C 41 32.95 54.85 1.04
CA GLN C 41 31.84 55.20 1.92
C GLN C 41 30.93 53.97 2.05
N THR C 42 30.76 53.49 3.28
CA THR C 42 30.03 52.26 3.54
C THR C 42 28.53 52.53 3.60
N LEU C 43 27.76 51.69 2.90
CA LEU C 43 26.31 51.79 2.87
C LEU C 43 25.73 50.38 2.83
N ASN C 44 24.54 50.23 3.43
CA ASN C 44 23.76 49.01 3.32
C ASN C 44 22.78 49.18 2.17
N ILE C 45 22.75 48.21 1.26
CA ILE C 45 22.07 48.29 -0.03
C ILE C 45 21.08 47.15 -0.16
N LEU C 46 19.84 47.49 -0.46
CA LEU C 46 18.80 46.49 -0.67
C LEU C 46 19.06 45.69 -1.93
N VAL C 47 18.90 44.37 -1.83
CA VAL C 47 19.12 43.43 -2.93
C VAL C 47 17.77 43.20 -3.63
N ASP C 48 17.65 43.69 -4.85
CA ASP C 48 16.36 43.74 -5.54
C ASP C 48 16.50 43.12 -6.94
N THR C 49 16.06 41.86 -7.11
CA THR C 49 16.05 41.28 -8.44
C THR C 49 14.85 41.74 -9.27
N GLY C 50 14.02 42.62 -8.73
CA GLY C 50 12.86 43.15 -9.43
C GLY C 50 13.08 44.51 -10.06
N SER C 51 14.31 45.02 -10.10
CA SER C 51 14.58 46.28 -10.78
C SER C 51 16.04 46.28 -11.26
N SER C 52 16.45 47.37 -11.92
CA SER C 52 17.77 47.36 -12.52
C SER C 52 18.55 48.64 -12.27
N ASN C 53 18.12 49.49 -11.35
CA ASN C 53 18.85 50.70 -11.03
C ASN C 53 19.59 50.53 -9.72
N PHE C 54 20.86 50.94 -9.71
CA PHE C 54 21.65 51.06 -8.49
C PHE C 54 21.52 52.50 -8.04
N ALA C 55 20.87 52.71 -6.89
CA ALA C 55 20.63 54.05 -6.41
C ALA C 55 20.88 54.06 -4.91
N VAL C 56 21.41 55.18 -4.42
CA VAL C 56 21.72 55.33 -3.01
C VAL C 56 21.25 56.72 -2.58
N GLY C 57 20.80 56.80 -1.33
CA GLY C 57 20.51 58.09 -0.74
C GLY C 57 21.74 58.96 -0.84
N ALA C 58 21.56 60.20 -1.31
CA ALA C 58 22.68 61.12 -1.47
C ALA C 58 22.33 62.50 -0.91
N ALA C 59 21.27 62.61 -0.12
CA ALA C 59 20.81 63.85 0.49
C ALA C 59 20.13 63.47 1.80
N PRO C 60 20.17 64.35 2.80
CA PRO C 60 19.55 64.04 4.09
C PRO C 60 18.10 63.61 3.95
N HIS C 61 17.69 62.72 4.85
CA HIS C 61 16.31 62.26 4.86
C HIS C 61 16.03 61.80 6.28
N PRO C 62 14.82 62.04 6.80
CA PRO C 62 14.52 61.62 8.18
C PRO C 62 14.87 60.16 8.49
N PHE C 63 14.70 59.25 7.54
CA PHE C 63 14.93 57.83 7.80
C PHE C 63 16.34 57.38 7.42
N LEU C 64 17.21 58.27 6.97
CA LEU C 64 18.57 57.90 6.58
C LEU C 64 19.52 58.23 7.71
N HIS C 65 20.34 57.25 8.11
CA HIS C 65 21.36 57.46 9.13
C HIS C 65 22.67 57.92 8.52
N ARG C 66 22.85 57.71 7.22
CA ARG C 66 24.03 58.11 6.49
C ARG C 66 23.67 58.16 5.02
N TYR C 67 24.51 58.80 4.21
CA TYR C 67 24.22 58.90 2.80
C TYR C 67 25.49 59.17 2.01
N TYR C 68 25.39 58.94 0.71
CA TYR C 68 26.49 59.13 -0.22
C TYR C 68 26.80 60.62 -0.36
N GLN C 69 28.05 60.98 -0.07
CA GLN C 69 28.52 62.36 -0.18
C GLN C 69 29.47 62.44 -1.37
N ARG C 70 28.91 62.80 -2.53
CA ARG C 70 29.68 62.82 -3.76
C ARG C 70 30.87 63.77 -3.66
N GLN C 71 30.74 64.84 -2.88
CA GLN C 71 31.82 65.81 -2.73
C GLN C 71 33.07 65.18 -2.13
N LEU C 72 32.92 64.14 -1.32
CA LEU C 72 34.06 63.52 -0.64
C LEU C 72 34.75 62.42 -1.44
N SER C 73 34.28 62.13 -2.65
CA SER C 73 34.85 61.04 -3.43
C SER C 73 35.68 61.62 -4.56
N SER C 74 36.96 61.26 -4.61
CA SER C 74 37.82 61.75 -5.68
C SER C 74 37.55 61.03 -6.99
N THR C 75 36.87 59.88 -6.97
CA THR C 75 36.60 59.11 -8.18
C THR C 75 35.21 59.37 -8.72
N TYR C 76 34.42 60.22 -8.07
CA TYR C 76 33.07 60.52 -8.52
C TYR C 76 33.07 61.25 -9.85
N ARG C 77 32.19 60.82 -10.75
CA ARG C 77 32.01 61.50 -12.04
C ARG C 77 30.54 61.79 -12.22
N ASP C 78 30.21 63.04 -12.49
CA ASP C 78 28.85 63.45 -12.73
C ASP C 78 28.48 63.15 -14.19
N LEU C 79 27.29 62.58 -14.39
CA LEU C 79 26.78 62.34 -15.74
C LEU C 79 25.85 63.46 -16.19
N ARG C 80 25.49 64.38 -15.30
CA ARG C 80 24.65 65.52 -15.61
C ARG C 80 23.36 65.11 -16.32
N LYS C 81 22.67 64.14 -15.73
CA LYS C 81 21.40 63.65 -16.27
C LYS C 81 20.53 63.26 -15.09
N GLY C 82 19.25 63.64 -15.16
CA GLY C 82 18.33 63.26 -14.12
C GLY C 82 17.77 61.86 -14.35
N VAL C 83 17.11 61.33 -13.33
CA VAL C 83 16.53 60.00 -13.39
C VAL C 83 15.49 59.91 -12.30
N TYR C 84 14.42 59.15 -12.55
CA TYR C 84 13.49 58.83 -11.48
C TYR C 84 12.97 57.44 -11.74
N VAL C 85 12.69 56.73 -10.65
CA VAL C 85 12.20 55.36 -10.71
C VAL C 85 10.92 55.24 -9.87
N PRO C 86 9.79 54.96 -10.48
CA PRO C 86 8.60 54.63 -9.70
C PRO C 86 8.47 53.12 -9.56
N TYR C 87 8.47 52.61 -8.32
CA TYR C 87 8.21 51.21 -8.06
C TYR C 87 6.71 50.99 -7.91
N THR C 88 6.33 49.76 -7.55
CA THR C 88 4.93 49.47 -7.28
C THR C 88 4.44 50.32 -6.11
N GLN C 89 5.30 50.49 -5.11
CA GLN C 89 5.06 51.37 -3.96
C GLN C 89 6.35 52.14 -3.74
N GLY C 90 6.26 53.46 -3.72
CA GLY C 90 7.44 54.27 -3.50
C GLY C 90 8.11 54.72 -4.79
N LYS C 91 8.86 55.81 -4.70
CA LYS C 91 9.60 56.31 -5.85
C LYS C 91 10.71 57.22 -5.34
N TRP C 92 11.69 57.48 -6.20
CA TRP C 92 12.75 58.43 -5.88
C TRP C 92 13.17 59.12 -7.16
N GLU C 93 13.87 60.24 -7.01
CA GLU C 93 14.47 60.90 -8.15
C GLU C 93 15.86 61.28 -7.72
N GLY C 94 16.71 61.52 -8.71
CA GLY C 94 18.07 61.90 -8.38
C GLY C 94 18.89 62.22 -9.60
N GLU C 95 20.20 62.20 -9.37
CA GLU C 95 21.21 62.62 -10.33
C GLU C 95 22.10 61.44 -10.67
N LEU C 96 22.32 61.19 -11.95
CA LEU C 96 23.17 60.11 -12.40
C LEU C 96 24.65 60.49 -12.35
N GLY C 97 25.48 59.49 -12.05
CA GLY C 97 26.93 59.62 -12.04
C GLY C 97 27.54 58.24 -11.98
N THR C 98 28.87 58.19 -11.97
CA THR C 98 29.58 56.93 -11.80
C THR C 98 30.57 57.07 -10.66
N ASP C 99 31.00 55.94 -10.11
CA ASP C 99 31.97 55.92 -9.03
C ASP C 99 32.43 54.48 -8.82
N LEU C 100 33.51 54.34 -8.06
CA LEU C 100 34.01 53.01 -7.72
C LEU C 100 33.13 52.39 -6.65
N VAL C 101 32.85 51.09 -6.82
CA VAL C 101 31.96 50.35 -5.94
C VAL C 101 32.64 49.04 -5.55
N SER C 102 32.47 48.65 -4.28
CA SER C 102 32.96 47.35 -3.80
C SER C 102 31.90 46.71 -2.91
N ILE C 103 32.03 45.40 -2.75
CA ILE C 103 31.20 44.59 -1.87
C ILE C 103 32.11 43.88 -0.87
N PRO C 104 32.26 44.43 0.35
CA PRO C 104 33.19 43.85 1.33
C PRO C 104 33.05 42.35 1.56
N HIS C 105 31.83 41.85 1.79
CA HIS C 105 31.60 40.41 1.90
C HIS C 105 31.12 39.83 0.56
N GLY C 106 31.90 40.11 -0.48
CA GLY C 106 31.63 39.62 -1.81
C GLY C 106 32.96 39.37 -2.48
N PRO C 107 32.99 39.26 -3.80
CA PRO C 107 34.28 39.08 -4.47
C PRO C 107 35.18 40.29 -4.22
N ASN C 108 36.49 40.04 -4.16
CA ASN C 108 37.47 41.10 -3.87
C ASN C 108 37.81 41.85 -5.16
N VAL C 109 36.85 42.67 -5.62
CA VAL C 109 37.03 43.47 -6.82
C VAL C 109 36.40 44.84 -6.61
N THR C 110 36.84 45.80 -7.43
CA THR C 110 36.29 47.15 -7.46
C THR C 110 35.90 47.47 -8.90
N VAL C 111 34.69 47.97 -9.11
CA VAL C 111 34.23 48.29 -10.45
C VAL C 111 33.70 49.71 -10.49
N ARG C 112 33.80 50.34 -11.65
CA ARG C 112 33.18 51.64 -11.86
C ARG C 112 31.76 51.39 -12.38
N ALA C 113 30.78 51.88 -11.64
CA ALA C 113 29.40 51.55 -11.95
C ALA C 113 28.55 52.81 -11.98
N ASN C 114 27.43 52.71 -12.67
CA ASN C 114 26.46 53.78 -12.64
C ASN C 114 25.83 53.85 -11.26
N ILE C 115 25.65 55.07 -10.77
CA ILE C 115 25.01 55.27 -9.47
C ILE C 115 24.02 56.42 -9.59
N ALA C 116 22.78 56.16 -9.18
CA ALA C 116 21.75 57.18 -9.10
C ALA C 116 21.81 57.75 -7.70
N ALA C 117 22.25 59.00 -7.57
CA ALA C 117 22.31 59.70 -6.30
C ALA C 117 20.91 60.23 -5.99
N ILE C 118 20.24 59.59 -5.03
CA ILE C 118 18.86 59.96 -4.70
C ILE C 118 18.85 61.29 -3.96
N THR C 119 18.20 62.30 -4.56
CA THR C 119 18.12 63.62 -3.95
C THR C 119 16.78 63.91 -3.28
N GLU C 120 15.73 63.21 -3.71
CA GLU C 120 14.37 63.35 -3.21
C GLU C 120 13.70 61.99 -3.36
N SER C 121 12.76 61.71 -2.48
CA SER C 121 12.11 60.42 -2.52
C SER C 121 10.74 60.56 -1.88
N ASP C 122 9.86 59.61 -2.18
CA ASP C 122 8.50 59.64 -1.64
C ASP C 122 8.11 58.20 -1.30
N LYS C 123 7.98 57.92 0.01
CA LYS C 123 7.55 56.61 0.50
C LYS C 123 8.46 55.51 -0.03
N PHE C 124 9.75 55.82 -0.14
CA PHE C 124 10.74 54.85 -0.60
C PHE C 124 11.55 54.29 0.57
N PHE C 125 12.32 55.14 1.25
CA PHE C 125 13.06 54.70 2.43
C PHE C 125 12.11 54.30 3.54
N ILE C 126 12.49 53.27 4.29
CA ILE C 126 11.67 52.74 5.37
C ILE C 126 12.30 53.12 6.69
N ASN C 127 11.49 53.63 7.60
CA ASN C 127 11.98 54.06 8.91
C ASN C 127 12.50 52.85 9.68
N GLY C 128 13.79 52.90 10.03
CA GLY C 128 14.44 51.85 10.79
C GLY C 128 14.69 50.56 10.04
N SER C 129 14.95 50.63 8.73
CA SER C 129 15.21 49.43 7.93
C SER C 129 16.69 49.08 7.91
N ASN C 130 17.55 50.06 8.15
CA ASN C 130 18.99 49.97 8.21
C ASN C 130 19.64 49.96 6.83
N TRP C 131 18.89 50.18 5.74
CA TRP C 131 19.52 50.30 4.43
C TRP C 131 19.32 51.69 3.83
N GLU C 132 20.27 52.08 2.98
CA GLU C 132 20.28 53.43 2.43
C GLU C 132 20.25 53.48 0.90
N GLY C 133 20.18 52.34 0.22
CA GLY C 133 20.17 52.36 -1.23
C GLY C 133 19.60 51.06 -1.75
N ILE C 134 19.58 50.92 -3.06
CA ILE C 134 18.96 49.75 -3.67
C ILE C 134 19.83 49.26 -4.82
N LEU C 135 20.01 47.95 -4.90
CA LEU C 135 20.83 47.33 -5.94
C LEU C 135 19.89 46.54 -6.86
N GLY C 136 19.54 47.14 -7.99
CA GLY C 136 18.72 46.44 -8.97
C GLY C 136 19.52 45.44 -9.76
N LEU C 137 19.18 44.15 -9.62
CA LEU C 137 19.98 43.09 -10.23
C LEU C 137 19.40 42.57 -11.53
N ALA C 138 18.29 43.16 -12.00
CA ALA C 138 17.68 42.73 -13.26
C ALA C 138 18.38 43.43 -14.43
N TYR C 139 17.82 43.31 -15.63
CA TYR C 139 18.54 43.66 -16.84
C TYR C 139 18.26 45.08 -17.32
N ALA C 140 19.14 45.56 -18.21
CA ALA C 140 19.10 46.93 -18.69
C ALA C 140 17.75 47.32 -19.28
N GLU C 141 17.03 46.34 -19.83
CA GLU C 141 15.78 46.67 -20.53
C GLU C 141 14.79 47.44 -19.66
N ILE C 142 14.80 47.24 -18.35
CA ILE C 142 13.89 47.97 -17.49
C ILE C 142 14.62 49.02 -16.62
N ALA C 143 15.87 49.34 -16.94
CA ALA C 143 16.56 50.40 -16.23
C ALA C 143 16.01 51.77 -16.65
N ARG C 144 16.00 52.69 -15.71
CA ARG C 144 15.68 54.08 -15.95
C ARG C 144 16.95 54.89 -16.00
N PRO C 145 17.00 55.98 -16.80
CA PRO C 145 15.92 56.47 -17.67
C PRO C 145 15.71 55.66 -18.96
N ASP C 146 16.65 54.82 -19.36
CA ASP C 146 16.48 53.99 -20.55
C ASP C 146 17.49 52.85 -20.47
N ASP C 147 17.40 51.92 -21.42
CA ASP C 147 18.24 50.71 -21.36
C ASP C 147 19.71 50.97 -21.63
N SER C 148 20.13 52.21 -21.84
CA SER C 148 21.56 52.48 -21.98
C SER C 148 22.25 52.64 -20.64
N LEU C 149 21.51 52.74 -19.54
CA LEU C 149 22.16 52.83 -18.23
C LEU C 149 22.48 51.42 -17.78
N GLU C 150 23.73 51.00 -17.99
CA GLU C 150 24.18 49.66 -17.68
C GLU C 150 23.97 49.36 -16.20
N PRO C 151 23.25 48.30 -15.84
CA PRO C 151 23.06 47.95 -14.43
C PRO C 151 24.36 47.48 -13.78
N PHE C 152 24.39 47.53 -12.45
CA PHE C 152 25.61 47.17 -11.71
C PHE C 152 26.15 45.81 -12.10
N PHE C 153 25.31 44.77 -12.11
CA PHE C 153 25.85 43.44 -12.28
C PHE C 153 26.49 43.28 -13.65
N ASP C 154 25.91 43.92 -14.68
CA ASP C 154 26.55 43.91 -15.99
C ASP C 154 27.93 44.54 -15.92
N SER C 155 28.07 45.66 -15.19
CA SER C 155 29.38 46.29 -15.06
C SER C 155 30.36 45.36 -14.36
N LEU C 156 29.91 44.69 -13.29
CA LEU C 156 30.75 43.75 -12.54
C LEU C 156 31.29 42.65 -13.46
N VAL C 157 30.41 42.07 -14.28
CA VAL C 157 30.81 40.96 -15.14
C VAL C 157 31.76 41.44 -16.22
N LYS C 158 31.49 42.63 -16.80
CA LYS C 158 32.30 43.10 -17.91
C LYS C 158 33.70 43.53 -17.48
N GLN C 159 33.84 44.09 -16.28
CA GLN C 159 35.12 44.63 -15.81
C GLN C 159 35.96 43.64 -15.00
N THR C 160 35.39 42.51 -14.57
CA THR C 160 36.16 41.57 -13.77
C THR C 160 36.04 40.15 -14.34
N HIS C 161 36.56 39.16 -13.62
CA HIS C 161 36.44 37.77 -14.02
C HIS C 161 35.32 37.04 -13.27
N VAL C 162 34.48 37.77 -12.55
CA VAL C 162 33.33 37.21 -11.84
C VAL C 162 32.42 36.53 -12.86
N PRO C 163 32.12 35.24 -12.69
CA PRO C 163 31.16 34.57 -13.60
C PRO C 163 29.79 35.22 -13.56
N ASN C 164 29.06 35.08 -14.67
CA ASN C 164 27.80 35.80 -14.88
C ASN C 164 26.63 35.02 -14.26
N LEU C 165 26.63 34.99 -12.93
CA LEU C 165 25.52 34.43 -12.20
C LEU C 165 25.69 34.76 -10.73
N PHE C 166 24.58 34.76 -10.01
CA PHE C 166 24.55 34.95 -8.57
C PHE C 166 23.43 34.07 -8.03
N SER C 167 23.49 33.80 -6.73
CA SER C 167 22.48 32.99 -6.09
C SER C 167 22.05 33.64 -4.78
N LEU C 168 20.78 33.46 -4.43
CA LEU C 168 20.20 34.06 -3.24
C LEU C 168 19.62 32.99 -2.34
N GLN C 169 20.05 33.00 -1.08
CA GLN C 169 19.48 32.18 -0.02
C GLN C 169 18.92 33.17 0.98
N LEU C 170 17.60 33.41 0.89
CA LEU C 170 16.91 34.32 1.80
C LEU C 170 16.29 33.49 2.92
N CYS C 171 16.67 33.78 4.15
CA CYS C 171 16.15 33.04 5.29
C CYS C 171 15.11 33.85 6.04
N GLY C 172 14.02 33.21 6.40
CA GLY C 172 12.97 33.90 7.13
C GLY C 172 13.36 34.14 8.58
N ALA C 173 12.37 34.28 9.46
CA ALA C 173 12.66 34.54 10.86
C ALA C 173 12.87 33.23 11.60
N GLY C 174 13.56 33.32 12.74
CA GLY C 174 13.83 32.15 13.55
C GLY C 174 15.05 31.39 13.07
N PHE C 175 16.20 32.05 13.02
CA PHE C 175 17.45 31.43 12.59
C PHE C 175 18.60 32.09 13.34
N PRO C 176 19.73 31.38 13.54
CA PRO C 176 20.87 31.95 14.27
C PRO C 176 21.53 33.13 13.54
N ALA C 184 18.56 43.45 13.48
CA ALA C 184 18.46 42.56 12.33
C ALA C 184 17.91 41.18 12.72
N SER C 185 16.69 40.89 12.27
CA SER C 185 16.01 39.64 12.57
C SER C 185 15.94 38.67 11.39
N VAL C 186 16.30 39.09 10.18
CA VAL C 186 16.43 38.15 9.07
C VAL C 186 17.85 38.21 8.53
N GLY C 187 18.25 37.11 7.87
CA GLY C 187 19.55 37.00 7.25
C GLY C 187 19.50 36.12 6.01
N GLY C 188 20.64 36.01 5.35
CA GLY C 188 20.73 35.19 4.15
C GLY C 188 22.08 35.36 3.49
N SER C 189 22.19 34.82 2.27
CA SER C 189 23.44 34.88 1.52
C SER C 189 23.18 35.28 0.08
N MET C 190 24.05 36.16 -0.44
CA MET C 190 24.10 36.44 -1.86
C MET C 190 25.47 35.98 -2.32
N ILE C 191 25.50 34.83 -2.99
CA ILE C 191 26.72 34.27 -3.54
C ILE C 191 26.90 34.89 -4.93
N ILE C 192 27.88 35.77 -5.05
CA ILE C 192 28.15 36.47 -6.29
C ILE C 192 29.16 35.67 -7.09
N GLY C 193 28.77 35.22 -8.28
CA GLY C 193 29.68 34.49 -9.14
C GLY C 193 29.59 32.99 -9.08
N GLY C 194 28.65 32.42 -8.33
CA GLY C 194 28.58 30.98 -8.27
C GLY C 194 27.49 30.48 -7.34
N ILE C 195 27.60 29.19 -7.05
CA ILE C 195 26.66 28.41 -6.28
C ILE C 195 27.42 27.81 -5.11
N ASP C 196 26.90 27.96 -3.89
CA ASP C 196 27.50 27.38 -2.69
C ASP C 196 26.67 26.17 -2.27
N HIS C 197 27.27 24.98 -2.37
CA HIS C 197 26.54 23.72 -2.16
C HIS C 197 26.13 23.47 -0.72
N SER C 198 26.74 24.15 0.24
CA SER C 198 26.32 23.97 1.62
C SER C 198 25.01 24.71 1.92
N LEU C 199 24.54 25.55 1.00
CA LEU C 199 23.34 26.34 1.24
C LEU C 199 22.06 25.65 0.80
N TYR C 200 22.14 24.44 0.24
CA TYR C 200 20.91 23.78 -0.16
C TYR C 200 21.05 22.27 -0.02
N THR C 201 19.92 21.58 -0.05
CA THR C 201 19.88 20.13 -0.07
C THR C 201 19.13 19.67 -1.30
N GLY C 202 19.37 18.41 -1.70
CA GLY C 202 18.69 17.89 -2.86
C GLY C 202 19.22 18.47 -4.16
N SER C 203 18.41 18.34 -5.20
CA SER C 203 18.78 18.75 -6.55
C SER C 203 18.27 20.16 -6.89
N LEU C 204 19.02 20.83 -7.77
CA LEU C 204 18.61 22.08 -8.37
C LEU C 204 17.80 21.80 -9.62
N TRP C 205 16.64 22.46 -9.74
CA TRP C 205 15.77 22.37 -10.90
C TRP C 205 15.73 23.74 -11.56
N TYR C 206 15.87 23.76 -12.89
CA TYR C 206 16.02 25.01 -13.64
C TYR C 206 14.82 25.28 -14.56
N THR C 207 14.42 26.54 -14.60
CA THR C 207 13.38 27.07 -15.44
C THR C 207 13.97 28.18 -16.30
N PRO C 208 13.59 28.27 -17.59
CA PRO C 208 14.20 29.28 -18.47
C PRO C 208 13.83 30.69 -18.07
N ILE C 209 14.79 31.59 -18.22
CA ILE C 209 14.47 33.01 -18.20
C ILE C 209 13.86 33.29 -19.57
N ARG C 210 12.58 33.62 -19.60
CA ARG C 210 11.89 33.78 -20.89
C ARG C 210 12.49 34.90 -21.71
N ARG C 211 12.77 36.03 -21.07
CA ARG C 211 13.28 37.22 -21.71
C ARG C 211 14.06 38.00 -20.66
N GLU C 212 15.19 38.60 -21.05
CA GLU C 212 16.08 39.31 -20.13
C GLU C 212 15.60 40.74 -19.94
N TRP C 213 14.65 40.92 -19.04
CA TRP C 213 14.30 42.28 -18.62
C TRP C 213 14.07 42.22 -17.11
N TYR C 214 12.87 41.82 -16.68
CA TYR C 214 12.79 41.21 -15.38
C TYR C 214 13.39 39.80 -15.45
N TYR C 215 13.49 39.14 -14.30
CA TYR C 215 13.76 37.70 -14.29
C TYR C 215 12.42 37.02 -14.52
N GLU C 216 12.04 36.94 -15.79
CA GLU C 216 10.71 36.45 -16.16
C GLU C 216 10.74 34.95 -16.36
N VAL C 217 9.76 34.26 -15.76
CA VAL C 217 9.60 32.82 -15.90
C VAL C 217 8.15 32.53 -16.30
N ILE C 218 7.88 31.26 -16.59
CA ILE C 218 6.56 30.81 -17.00
C ILE C 218 6.06 29.80 -15.97
N ILE C 219 4.90 30.08 -15.39
CA ILE C 219 4.20 29.17 -14.48
C ILE C 219 3.24 28.35 -15.32
N VAL C 220 3.33 27.02 -15.24
CA VAL C 220 2.58 26.14 -16.12
C VAL C 220 1.43 25.41 -15.44
N ARG C 221 1.33 25.48 -14.11
CA ARG C 221 0.30 24.80 -13.35
C ARG C 221 0.33 25.34 -11.92
N VAL C 222 -0.84 25.42 -11.29
CA VAL C 222 -0.94 25.80 -9.89
C VAL C 222 -1.91 24.81 -9.23
N GLU C 223 -1.50 24.27 -8.10
CA GLU C 223 -2.32 23.37 -7.30
C GLU C 223 -2.36 23.88 -5.87
N ILE C 224 -3.50 23.69 -5.23
CA ILE C 224 -3.67 24.03 -3.82
C ILE C 224 -4.15 22.77 -3.13
N ASN C 225 -3.34 22.27 -2.18
CA ASN C 225 -3.55 20.99 -1.52
C ASN C 225 -3.72 19.85 -2.52
N GLY C 226 -2.91 19.88 -3.59
CA GLY C 226 -2.97 18.86 -4.61
C GLY C 226 -4.08 18.99 -5.63
N GLN C 227 -4.89 20.04 -5.56
CA GLN C 227 -6.03 20.25 -6.44
C GLN C 227 -5.64 21.34 -7.44
N ASP C 228 -5.76 21.04 -8.73
CA ASP C 228 -5.43 22.01 -9.78
C ASP C 228 -6.41 23.18 -9.74
N LEU C 229 -5.91 24.41 -9.82
CA LEU C 229 -6.81 25.56 -9.88
C LEU C 229 -7.66 25.58 -11.15
N LYS C 230 -7.32 24.78 -12.16
CA LYS C 230 -8.13 24.65 -13.38
C LYS C 230 -8.38 25.99 -14.05
N MET C 231 -7.32 26.75 -14.27
CA MET C 231 -7.40 27.98 -15.03
C MET C 231 -6.55 27.83 -16.27
N ASP C 232 -6.88 28.62 -17.29
CA ASP C 232 -6.00 28.74 -18.46
C ASP C 232 -4.64 29.23 -17.99
N CYS C 233 -3.57 28.46 -18.25
CA CYS C 233 -2.27 28.80 -17.66
C CYS C 233 -1.76 30.16 -18.10
N LYS C 234 -2.31 30.73 -19.18
CA LYS C 234 -1.95 32.11 -19.52
C LYS C 234 -2.35 33.08 -18.41
N GLU C 235 -3.44 32.80 -17.69
CA GLU C 235 -3.84 33.69 -16.60
C GLU C 235 -2.75 33.78 -15.54
N TYR C 236 -2.01 32.69 -15.31
CA TYR C 236 -0.95 32.68 -14.30
C TYR C 236 0.17 33.65 -14.65
N ASN C 237 0.36 33.93 -15.95
CA ASN C 237 1.49 34.72 -16.40
C ASN C 237 1.02 36.01 -17.10
N TYR C 238 -0.15 36.49 -16.69
CA TYR C 238 -0.74 37.70 -17.25
C TYR C 238 -0.43 38.87 -16.32
N ASP C 239 0.40 39.81 -16.78
CA ASP C 239 0.97 39.86 -18.12
C ASP C 239 2.42 39.38 -18.17
N LYS C 240 2.91 38.85 -17.04
CA LYS C 240 4.24 38.27 -16.86
C LYS C 240 4.30 37.65 -15.46
N SER C 241 5.29 36.79 -15.25
CA SER C 241 5.60 36.23 -13.93
C SER C 241 7.08 36.45 -13.68
N ILE C 242 7.42 37.02 -12.50
CA ILE C 242 8.80 37.40 -12.22
C ILE C 242 9.23 36.90 -10.85
N VAL C 243 10.54 36.75 -10.69
CA VAL C 243 11.19 36.44 -9.42
C VAL C 243 11.82 37.71 -8.87
N ASP C 244 11.34 38.15 -7.72
CA ASP C 244 11.56 39.51 -7.24
C ASP C 244 11.91 39.51 -5.75
N SER C 245 13.21 39.56 -5.43
CA SER C 245 13.60 39.63 -4.02
C SER C 245 13.26 40.97 -3.39
N GLY C 246 12.89 41.96 -4.17
CA GLY C 246 12.51 43.25 -3.64
C GLY C 246 11.04 43.38 -3.30
N THR C 247 10.25 42.34 -3.54
CA THR C 247 8.85 42.36 -3.17
C THR C 247 8.62 41.33 -2.06
N THR C 248 7.97 41.76 -0.99
CA THR C 248 7.72 40.87 0.14
C THR C 248 6.77 39.74 -0.23
N ASN C 249 5.61 40.08 -0.78
CA ASN C 249 4.54 39.13 -0.94
C ASN C 249 4.65 38.30 -2.21
N LEU C 250 3.82 37.27 -2.27
CA LEU C 250 3.43 36.65 -3.52
C LEU C 250 2.28 37.48 -4.09
N ARG C 251 2.47 38.05 -5.27
CA ARG C 251 1.43 38.87 -5.89
C ARG C 251 0.87 38.10 -7.06
N LEU C 252 -0.47 38.05 -7.15
CA LEU C 252 -1.12 37.25 -8.17
C LEU C 252 -2.04 38.10 -9.01
N PRO C 253 -2.12 37.83 -10.32
CA PRO C 253 -3.10 38.54 -11.16
C PRO C 253 -4.49 38.36 -10.61
N LYS C 254 -5.32 39.40 -10.79
CA LYS C 254 -6.67 39.46 -10.24
C LYS C 254 -7.41 38.12 -10.28
N LYS C 255 -7.53 37.54 -11.47
CA LYS C 255 -8.32 36.31 -11.60
C LYS C 255 -7.69 35.15 -10.84
N VAL C 256 -6.37 35.04 -10.86
CA VAL C 256 -5.68 33.98 -10.13
C VAL C 256 -5.79 34.23 -8.63
N PHE C 257 -5.60 35.48 -8.20
CA PHE C 257 -5.77 35.84 -6.80
C PHE C 257 -7.13 35.43 -6.28
N GLU C 258 -8.19 35.76 -7.02
CA GLU C 258 -9.53 35.45 -6.57
C GLU C 258 -9.73 33.96 -6.42
N ALA C 259 -9.28 33.16 -7.41
CA ALA C 259 -9.42 31.72 -7.30
C ALA C 259 -8.58 31.14 -6.17
N ALA C 260 -7.35 31.68 -5.95
CA ALA C 260 -6.51 31.17 -4.87
C ALA C 260 -7.10 31.46 -3.50
N VAL C 261 -7.57 32.70 -3.29
CA VAL C 261 -8.19 33.06 -2.01
C VAL C 261 -9.42 32.21 -1.73
N LYS C 262 -10.28 32.02 -2.74
CA LYS C 262 -11.46 31.17 -2.57
C LYS C 262 -11.08 29.75 -2.15
N SER C 263 -10.04 29.18 -2.76
CA SER C 263 -9.60 27.85 -2.37
C SER C 263 -8.98 27.86 -0.97
N ILE C 264 -8.17 28.87 -0.65
CA ILE C 264 -7.57 28.92 0.70
C ILE C 264 -8.64 29.14 1.77
N LYS C 265 -9.65 29.97 1.46
CA LYS C 265 -10.78 30.16 2.38
C LYS C 265 -11.48 28.83 2.65
N ALA C 266 -11.80 28.09 1.59
CA ALA C 266 -12.53 26.83 1.76
C ALA C 266 -11.75 25.85 2.61
N ALA C 267 -10.45 25.73 2.37
CA ALA C 267 -9.64 24.81 3.17
C ALA C 267 -9.60 25.23 4.64
N SER C 268 -9.76 26.54 4.92
CA SER C 268 -9.64 27.02 6.28
C SER C 268 -10.98 27.49 6.86
N SER C 269 -12.09 27.14 6.21
CA SER C 269 -13.42 27.61 6.63
C SER C 269 -13.76 27.23 8.06
N THR C 270 -13.11 26.20 8.62
CA THR C 270 -13.32 25.80 10.00
C THR C 270 -13.07 26.94 10.99
N GLU C 271 -12.50 28.05 10.54
CA GLU C 271 -12.31 29.23 11.37
C GLU C 271 -12.71 30.47 10.58
N LYS C 272 -13.17 31.49 11.30
CA LYS C 272 -13.60 32.74 10.68
C LYS C 272 -12.49 33.78 10.79
N PHE C 273 -12.29 34.53 9.71
CA PHE C 273 -11.30 35.58 9.60
C PHE C 273 -12.00 36.87 9.17
N PRO C 274 -11.56 38.01 9.68
CA PRO C 274 -12.09 39.29 9.17
C PRO C 274 -11.86 39.39 7.68
N ASP C 275 -12.81 40.02 6.98
CA ASP C 275 -12.67 40.17 5.53
C ASP C 275 -11.41 40.94 5.18
N GLY C 276 -11.04 41.92 6.02
CA GLY C 276 -9.81 42.66 5.84
C GLY C 276 -8.57 41.81 5.97
N PHE C 277 -8.68 40.64 6.61
CA PHE C 277 -7.53 39.73 6.67
C PHE C 277 -7.10 39.31 5.27
N TRP C 278 -8.06 38.87 4.45
CA TRP C 278 -7.74 38.39 3.11
C TRP C 278 -7.23 39.46 2.18
N LEU C 279 -7.26 40.73 2.60
CA LEU C 279 -6.73 41.84 1.82
C LEU C 279 -5.35 42.29 2.29
N GLY C 280 -4.78 41.62 3.30
CA GLY C 280 -3.52 42.02 3.90
C GLY C 280 -3.62 43.18 4.87
N GLU C 281 -4.83 43.58 5.24
CA GLU C 281 -5.04 44.72 6.13
C GLU C 281 -5.03 44.28 7.59
N GLN C 282 -6.11 43.65 8.03
CA GLN C 282 -6.21 43.15 9.40
C GLN C 282 -5.32 41.92 9.59
N LEU C 283 -4.86 41.74 10.81
CA LEU C 283 -3.99 40.61 11.15
C LEU C 283 -4.72 39.67 12.09
N VAL C 284 -4.65 38.35 11.81
CA VAL C 284 -5.31 37.32 12.60
C VAL C 284 -4.37 36.88 13.71
N CYS C 285 -4.93 36.45 14.84
CA CYS C 285 -4.13 36.03 15.98
C CYS C 285 -4.67 34.73 16.58
N TRP C 286 -3.76 34.01 17.24
CA TRP C 286 -4.08 32.78 17.95
C TRP C 286 -3.24 32.76 19.23
N GLN C 287 -3.70 31.97 20.20
CA GLN C 287 -2.95 31.83 21.43
C GLN C 287 -1.58 31.22 21.13
N ALA C 288 -0.52 31.87 21.64
CA ALA C 288 0.88 31.51 21.43
C ALA C 288 1.12 29.99 21.34
N GLY C 289 1.51 29.52 20.17
CA GLY C 289 1.80 28.12 19.97
C GLY C 289 0.61 27.26 19.61
N THR C 290 -0.54 27.85 19.29
CA THR C 290 -1.71 27.09 18.90
C THR C 290 -2.17 27.42 17.48
N THR C 291 -1.35 28.13 16.70
CA THR C 291 -1.70 28.43 15.32
C THR C 291 -2.08 27.15 14.59
N PRO C 292 -3.27 27.09 14.01
CA PRO C 292 -3.74 25.87 13.32
C PRO C 292 -3.21 25.75 11.89
N TRP C 293 -1.89 25.50 11.79
CA TRP C 293 -1.22 25.41 10.49
C TRP C 293 -1.91 24.43 9.56
N ASN C 294 -2.41 23.31 10.09
CA ASN C 294 -2.95 22.23 9.27
C ASN C 294 -4.17 22.64 8.44
N ILE C 295 -4.91 23.68 8.84
CA ILE C 295 -6.10 24.03 8.07
C ILE C 295 -5.77 24.91 6.88
N PHE C 296 -4.54 25.42 6.80
CA PHE C 296 -4.11 26.21 5.65
C PHE C 296 -3.39 25.31 4.65
N PRO C 297 -3.74 25.39 3.38
CA PRO C 297 -3.20 24.46 2.39
C PRO C 297 -1.80 24.83 1.91
N VAL C 298 -1.14 23.85 1.28
CA VAL C 298 0.12 24.11 0.58
C VAL C 298 -0.21 24.54 -0.85
N ILE C 299 0.60 25.45 -1.37
CA ILE C 299 0.48 25.96 -2.72
C ILE C 299 1.64 25.41 -3.53
N SER C 300 1.33 24.73 -4.63
CA SER C 300 2.33 24.20 -5.53
C SER C 300 2.34 25.07 -6.78
N LEU C 301 3.50 25.69 -7.07
CA LEU C 301 3.71 26.46 -8.29
C LEU C 301 4.61 25.62 -9.19
N TYR C 302 4.09 25.23 -10.35
CA TYR C 302 4.86 24.47 -11.31
C TYR C 302 5.53 25.43 -12.27
N LEU C 303 6.84 25.27 -12.44
CA LEU C 303 7.62 26.12 -13.32
C LEU C 303 8.00 25.30 -14.55
N MET C 304 7.91 25.95 -15.70
CA MET C 304 8.24 25.28 -16.95
C MET C 304 9.68 24.79 -16.93
N GLY C 305 9.89 23.55 -17.40
CA GLY C 305 11.26 23.09 -17.41
C GLY C 305 11.97 23.54 -18.66
N GLU C 306 13.28 23.35 -18.69
CA GLU C 306 13.96 23.73 -19.91
C GLU C 306 13.54 22.79 -21.02
N VAL C 307 13.10 21.58 -20.64
CA VAL C 307 12.39 20.61 -21.46
C VAL C 307 11.07 20.38 -20.75
N THR C 308 9.95 20.45 -21.49
CA THR C 308 8.64 20.43 -20.83
C THR C 308 8.26 19.08 -20.22
N ASN C 309 9.04 18.01 -20.36
CA ASN C 309 8.78 16.86 -19.50
C ASN C 309 9.75 16.82 -18.32
N GLN C 310 10.43 17.94 -18.08
CA GLN C 310 11.29 18.15 -16.91
C GLN C 310 10.87 19.42 -16.18
N SER C 311 9.59 19.75 -16.23
CA SER C 311 9.11 20.82 -15.40
C SER C 311 9.17 20.36 -13.94
N PHE C 312 8.91 21.30 -13.03
CA PHE C 312 9.02 20.99 -11.63
C PHE C 312 8.09 21.90 -10.86
N ARG C 313 7.90 21.55 -9.60
CA ARG C 313 7.06 22.35 -8.73
C ARG C 313 7.85 22.75 -7.50
N ILE C 314 7.52 23.92 -6.99
CA ILE C 314 7.98 24.35 -5.68
C ILE C 314 6.73 24.47 -4.83
N THR C 315 6.80 23.98 -3.60
CA THR C 315 5.62 23.92 -2.75
C THR C 315 5.81 24.90 -1.60
N ILE C 316 4.79 25.73 -1.38
CA ILE C 316 4.84 26.85 -0.43
C ILE C 316 4.02 26.44 0.80
N LEU C 317 4.64 26.52 1.99
CA LEU C 317 3.87 26.20 3.19
C LEU C 317 3.13 27.43 3.71
N PRO C 318 2.03 27.24 4.46
CA PRO C 318 1.37 28.40 5.09
C PRO C 318 2.29 29.22 5.97
N GLN C 319 3.34 28.64 6.55
CA GLN C 319 4.28 29.45 7.30
C GLN C 319 5.01 30.44 6.40
N GLN C 320 4.91 30.28 5.08
CA GLN C 320 5.52 31.24 4.18
C GLN C 320 4.55 32.35 3.82
N TYR C 321 3.26 32.05 3.60
CA TYR C 321 2.33 33.08 3.19
C TYR C 321 1.48 33.63 4.33
N LEU C 322 1.77 33.24 5.57
CA LEU C 322 1.18 33.83 6.77
C LEU C 322 2.35 34.48 7.49
N ARG C 323 2.61 35.74 7.19
CA ARG C 323 3.80 36.41 7.70
C ARG C 323 3.59 36.83 9.16
N PRO C 324 4.53 36.53 10.06
CA PRO C 324 4.38 36.95 11.46
C PRO C 324 4.61 38.44 11.67
N VAL C 325 3.80 39.03 12.54
CA VAL C 325 3.88 40.44 12.91
C VAL C 325 3.71 40.58 14.42
N GLU C 326 4.49 41.47 15.02
CA GLU C 326 4.43 41.69 16.47
C GLU C 326 3.06 42.17 16.93
N ASP C 327 2.50 41.47 17.92
CA ASP C 327 1.22 41.76 18.54
C ASP C 327 1.09 43.21 18.97
N VAL C 328 0.26 43.99 18.26
CA VAL C 328 0.09 45.39 18.62
C VAL C 328 -0.36 45.53 20.07
N ALA C 329 -1.23 44.64 20.54
CA ALA C 329 -1.71 44.61 21.91
C ALA C 329 -0.68 43.96 22.85
N THR C 330 -0.86 44.20 24.15
CA THR C 330 -0.01 43.61 25.19
C THR C 330 -0.33 42.12 25.36
N SER C 331 0.37 41.27 24.63
CA SER C 331 0.22 39.82 24.75
C SER C 331 1.32 39.14 23.95
N GLN C 332 1.41 37.83 24.14
CA GLN C 332 2.39 37.00 23.45
C GLN C 332 1.73 36.19 22.35
N ASP C 333 0.48 36.49 22.04
CA ASP C 333 -0.23 35.76 21.00
C ASP C 333 0.50 35.85 19.68
N ASP C 334 0.46 34.76 18.91
CA ASP C 334 1.02 34.73 17.57
C ASP C 334 0.02 35.37 16.61
N CYS C 335 0.45 36.42 15.92
CA CYS C 335 -0.39 37.13 14.97
C CYS C 335 0.28 37.12 13.60
N TYR C 336 -0.54 37.05 12.56
CA TYR C 336 -0.02 36.94 11.21
C TYR C 336 -0.78 37.87 10.27
N LYS C 337 -0.13 38.19 9.16
CA LYS C 337 -0.70 38.92 8.04
C LYS C 337 -0.71 37.99 6.82
N PHE C 338 -1.81 38.00 6.08
CA PHE C 338 -1.89 37.27 4.81
C PHE C 338 -0.93 37.90 3.81
N ALA C 339 0.10 37.14 3.41
CA ALA C 339 1.15 37.64 2.52
C ALA C 339 0.91 37.27 1.04
N ILE C 340 -0.35 37.21 0.60
CA ILE C 340 -0.70 37.05 -0.82
C ILE C 340 -1.55 38.25 -1.20
N SER C 341 -1.11 39.00 -2.21
CA SER C 341 -1.79 40.22 -2.64
C SER C 341 -2.20 40.17 -4.10
N GLN C 342 -3.15 41.03 -4.43
CA GLN C 342 -3.65 41.09 -5.80
C GLN C 342 -2.72 41.97 -6.62
N SER C 343 -2.51 41.57 -7.87
CA SER C 343 -1.62 42.33 -8.74
C SER C 343 -2.35 42.69 -10.03
N SER C 344 -1.94 43.81 -10.61
CA SER C 344 -2.41 44.19 -11.93
C SER C 344 -1.27 44.22 -12.94
N THR C 345 -0.09 43.73 -12.58
CA THR C 345 1.09 43.73 -13.43
C THR C 345 1.73 42.34 -13.47
N GLY C 346 0.92 41.30 -13.29
CA GLY C 346 1.40 39.94 -13.39
C GLY C 346 1.78 39.34 -12.05
N THR C 347 2.25 38.09 -12.10
CA THR C 347 2.66 37.39 -10.89
C THR C 347 4.01 37.92 -10.42
N VAL C 348 4.14 38.12 -9.12
CA VAL C 348 5.43 38.45 -8.51
C VAL C 348 5.73 37.37 -7.47
N MET C 349 6.78 36.60 -7.70
CA MET C 349 7.26 35.62 -6.73
C MET C 349 8.24 36.36 -5.85
N GLY C 350 7.72 36.91 -4.76
CA GLY C 350 8.50 37.74 -3.86
C GLY C 350 9.25 36.96 -2.80
N ALA C 351 9.69 37.70 -1.78
CA ALA C 351 10.53 37.11 -0.73
C ALA C 351 9.86 35.92 -0.05
N VAL C 352 8.53 35.98 0.17
CA VAL C 352 7.88 34.86 0.85
C VAL C 352 7.93 33.58 0.03
N ILE C 353 8.06 33.68 -1.30
CA ILE C 353 8.26 32.50 -2.11
C ILE C 353 9.72 32.06 -2.02
N MET C 354 10.64 33.01 -2.16
CA MET C 354 12.05 32.69 -2.25
C MET C 354 12.63 32.14 -0.95
N GLU C 355 12.13 32.59 0.20
CA GLU C 355 12.60 32.09 1.49
C GLU C 355 12.37 30.59 1.61
N GLY C 356 13.36 29.89 2.14
CA GLY C 356 13.27 28.43 2.16
C GLY C 356 13.69 27.76 0.86
N PHE C 357 13.96 28.53 -0.19
CA PHE C 357 14.58 28.00 -1.38
C PHE C 357 15.91 28.67 -1.60
N TYR C 358 16.82 27.96 -2.24
CA TYR C 358 18.06 28.50 -2.76
C TYR C 358 17.82 28.80 -4.24
N VAL C 359 17.95 30.06 -4.62
CA VAL C 359 17.53 30.50 -5.95
C VAL C 359 18.76 30.94 -6.73
N VAL C 360 19.00 30.29 -7.87
CA VAL C 360 20.20 30.54 -8.66
C VAL C 360 19.80 31.37 -9.88
N PHE C 361 20.33 32.59 -9.96
CA PHE C 361 20.08 33.46 -11.12
C PHE C 361 21.21 33.23 -12.12
N ASP C 362 21.04 32.19 -12.94
CA ASP C 362 22.05 31.70 -13.87
C ASP C 362 21.92 32.51 -15.15
N ARG C 363 22.42 33.74 -15.08
CA ARG C 363 22.33 34.65 -16.22
C ARG C 363 23.07 34.09 -17.43
N ALA C 364 24.25 33.50 -17.22
CA ALA C 364 25.05 32.98 -18.31
C ALA C 364 24.29 31.95 -19.13
N ARG C 365 23.43 31.15 -18.50
CA ARG C 365 22.66 30.16 -19.25
C ARG C 365 21.16 30.51 -19.28
N LYS C 366 20.81 31.75 -18.95
CA LYS C 366 19.46 32.26 -19.13
C LYS C 366 18.41 31.33 -18.51
N ARG C 367 18.59 31.07 -17.22
CA ARG C 367 17.71 30.15 -16.49
C ARG C 367 17.76 30.48 -15.00
N ILE C 368 16.74 30.04 -14.28
CA ILE C 368 16.67 30.23 -12.84
C ILE C 368 16.52 28.87 -12.17
N GLY C 369 17.41 28.58 -11.23
CA GLY C 369 17.40 27.30 -10.52
C GLY C 369 16.81 27.44 -9.13
N PHE C 370 16.12 26.38 -8.71
CA PHE C 370 15.49 26.30 -7.39
C PHE C 370 15.94 25.01 -6.72
N ALA C 371 16.24 25.11 -5.43
CA ALA C 371 16.54 23.96 -4.58
C ALA C 371 16.07 24.26 -3.17
N VAL C 372 15.80 23.20 -2.40
CA VAL C 372 15.42 23.41 -1.00
C VAL C 372 16.57 24.07 -0.25
N SER C 373 16.26 25.15 0.48
CA SER C 373 17.29 25.84 1.24
C SER C 373 17.67 25.09 2.51
N ALA C 374 18.90 25.30 2.96
CA ALA C 374 19.31 24.78 4.26
C ALA C 374 18.58 25.48 5.40
N CYS C 375 17.99 26.65 5.15
CA CYS C 375 17.19 27.36 6.16
C CYS C 375 15.70 27.29 5.84
N HIS C 376 15.13 26.10 5.84
CA HIS C 376 13.72 25.87 5.53
C HIS C 376 12.86 25.94 6.80
N VAL C 377 11.54 26.01 6.58
CA VAL C 377 10.55 26.04 7.65
C VAL C 377 10.38 24.62 8.23
N HIS C 378 10.10 24.53 9.53
CA HIS C 378 10.01 23.24 10.21
C HIS C 378 8.55 22.92 10.57
N ASP C 379 7.77 22.55 9.55
CA ASP C 379 6.39 22.12 9.79
C ASP C 379 6.41 20.65 10.18
N GLU C 380 5.65 20.31 11.23
CA GLU C 380 5.78 19.00 11.85
C GLU C 380 5.44 17.87 10.90
N PHE C 381 4.48 18.09 10.01
CA PHE C 381 4.00 17.02 9.14
C PHE C 381 4.18 17.28 7.65
N ARG C 382 4.48 18.51 7.23
CA ARG C 382 4.63 18.81 5.81
C ARG C 382 5.96 19.49 5.57
N THR C 383 6.43 19.45 4.33
CA THR C 383 7.71 20.08 4.08
C THR C 383 7.74 20.72 2.70
N ALA C 384 8.29 21.93 2.65
CA ALA C 384 8.56 22.60 1.41
C ALA C 384 9.49 21.74 0.54
N ALA C 385 9.26 21.79 -0.76
CA ALA C 385 9.96 20.88 -1.65
C ALA C 385 10.16 21.55 -3.01
N VAL C 386 11.14 21.02 -3.74
CA VAL C 386 11.37 21.30 -5.15
C VAL C 386 11.36 19.92 -5.77
N GLU C 387 10.32 19.59 -6.54
CA GLU C 387 10.10 18.22 -7.00
C GLU C 387 9.86 18.17 -8.50
N GLY C 388 10.42 17.14 -9.12
CA GLY C 388 10.25 16.88 -10.54
C GLY C 388 10.72 15.46 -10.83
N PRO C 389 10.61 15.00 -12.10
CA PRO C 389 10.08 15.80 -13.20
C PRO C 389 8.55 15.76 -13.35
N PHE C 390 8.02 16.78 -14.01
CA PHE C 390 6.63 16.80 -14.42
C PHE C 390 6.58 17.12 -15.92
N VAL C 391 5.52 16.61 -16.58
CA VAL C 391 5.24 16.96 -17.96
C VAL C 391 4.11 17.98 -17.94
N THR C 392 4.31 19.09 -18.61
CA THR C 392 3.36 20.18 -18.51
C THR C 392 3.20 20.83 -19.86
N LEU C 393 2.43 21.92 -19.85
CA LEU C 393 2.23 22.78 -21.00
C LEU C 393 3.51 23.61 -21.20
N ASP C 394 3.64 24.20 -22.39
CA ASP C 394 4.86 24.93 -22.71
C ASP C 394 4.64 26.44 -22.84
N MET C 395 5.68 27.12 -23.34
CA MET C 395 5.70 28.57 -23.39
C MET C 395 4.58 29.14 -24.26
N GLU C 396 4.30 28.52 -25.39
CA GLU C 396 3.22 28.98 -26.25
C GLU C 396 1.85 28.81 -25.59
N ASP C 397 1.67 27.73 -24.81
CA ASP C 397 0.39 27.55 -24.13
C ASP C 397 0.24 28.52 -22.95
N CYS C 398 1.33 28.95 -22.35
CA CYS C 398 1.24 29.64 -21.06
C CYS C 398 1.83 31.03 -21.05
N GLY C 399 2.67 31.39 -22.01
CA GLY C 399 3.28 32.71 -22.05
C GLY C 399 2.32 33.76 -22.56
N TYR C 400 2.31 34.91 -21.89
CA TYR C 400 1.51 36.02 -22.38
C TYR C 400 2.28 36.78 -23.45
N ASN C 401 1.55 37.30 -24.43
CA ASN C 401 2.16 38.11 -25.48
C ASN C 401 1.46 39.46 -25.60
C2 E5A D . -13.84 -8.21 2.46
C4 E5A D . -13.80 -9.46 1.57
C12 E5A D . -17.08 -10.79 0.06
C15 E5A D . -19.07 -9.76 0.94
C18 E5A D . -18.14 -11.67 2.04
C13 E5A D . -18.06 -9.82 -0.02
C16 E5A D . -19.12 -10.69 1.97
C20 E5A D . -17.13 -11.73 1.08
C23 E5A D . -20.53 -8.10 1.78
C26 E5A D . -20.30 -6.64 1.59
C29 E5A D . -19.35 -6.13 2.60
C32 E5A D . -17.92 -6.35 2.21
C35 E5A D . -16.98 -6.31 3.41
C38 E5A D . -15.59 -6.62 2.98
C40 E5A D . -13.62 -10.36 -1.67
C44 E5A D . -12.16 -10.24 -1.27
C49 E5A D . -9.86 -10.46 -2.17
C52 E5A D . -9.61 -11.86 -1.64
C53 E5A D . -9.92 -12.98 -2.41
C55 E5A D . -9.71 -14.27 -1.96
C56 E5A D . -9.17 -14.44 -0.69
C58 E5A D . -8.85 -13.35 0.10
C60 E5A D . -9.08 -12.07 -0.38
C62 E5A D . -10.06 -15.46 -2.81
C64 E5A D . -11.50 -15.82 -2.69
C68 E5A D . -9.72 -15.22 -4.28
C7 E5A D . -14.56 -10.58 -0.47
C73 E5A D . -12.88 -8.33 3.64
C77 E5A D . -16.07 -9.05 3.27
C9 E5A D . -15.99 -10.83 -0.99
N1 E5A D . -15.21 -7.92 2.91
N47 E5A D . -11.28 -10.19 -2.48
N5 E5A D . -14.55 -9.43 0.44
O22 E5A D . -19.95 -8.75 0.69
O39 E5A D . -14.83 -5.71 2.68
O42 E5A D . -13.77 -11.46 -2.58
O72 E5A D . -13.12 -10.43 1.88
C2 E5A E . 10.97 -35.23 12.45
C4 E5A E . 10.39 -35.43 13.87
C12 E5A E . 8.48 -32.58 15.43
C15 E5A E . 8.76 -30.46 14.34
C18 E5A E . 10.37 -31.17 15.96
C13 E5A E . 8.04 -31.63 14.53
C16 E5A E . 9.92 -30.21 15.06
C20 E5A E . 9.64 -32.34 16.15
C23 E5A E . 9.11 -28.88 12.58
C26 E5A E . 8.64 -29.13 11.20
C29 E5A E . 9.64 -29.87 10.41
C32 E5A E . 9.54 -31.33 10.59
C35 E5A E . 10.90 -32.01 10.45
C38 E5A E . 10.81 -33.45 10.82
C40 E5A E . 7.48 -36.30 15.33
C44 E5A E . 8.17 -37.65 15.19
C49 E5A E . 7.76 -40.03 15.59
C52 E5A E . 8.58 -40.12 16.85
C53 E5A E . 8.00 -39.91 18.10
C55 E5A E . 8.73 -39.98 19.28
C56 E5A E . 10.09 -40.25 19.20
C58 E5A E . 10.68 -40.47 17.97
C60 E5A E . 9.94 -40.40 16.80
C62 E5A E . 8.08 -39.76 20.65
C64 E5A E . 7.99 -38.32 21.00
C68 E5A E . 6.72 -40.42 20.75
C7 E5A E . 8.45 -35.12 15.35
C73 E5A E . 12.29 -35.96 12.28
C77 E5A E . 11.45 -32.86 13.12
C9 E5A E . 7.68 -33.85 15.64
N1 E5A E . 11.06 -33.81 12.08
N47 E5A E . 7.16 -38.72 15.39
N5 E5A E . 9.14 -34.98 14.07
O22 E5A E . 8.22 -29.59 13.42
O39 E5A E . 10.51 -34.27 9.95
O42 E5A E . 6.70 -36.32 16.54
O72 E5A E . 11.04 -35.99 14.74
C2 E5A F . 7.04 46.19 -3.53
C4 E5A F . 7.97 46.88 -4.56
C12 E5A F . 11.37 48.07 -3.42
C15 E5A F . 11.65 48.09 -1.02
C18 E5A F . 10.71 50.00 -2.12
C13 E5A F . 11.77 47.45 -2.25
C16 E5A F . 11.11 49.37 -0.94
C20 E5A F . 10.84 49.35 -3.35
C23 E5A F . 11.49 47.47 1.24
C26 E5A F . 11.10 46.13 1.71
C29 E5A F . 9.64 45.98 1.74
C32 E5A F . 9.12 45.55 0.43
C35 E5A F . 7.68 45.93 0.20
C38 E5A F . 7.27 45.59 -1.22
C40 E5A F . 10.51 46.06 -6.63
C44 E5A F . 9.27 45.86 -7.51
C49 E5A F . 8.63 45.14 -9.76
C52 E5A F . 8.48 46.53 -10.35
C53 E5A F . 9.56 47.17 -10.94
C55 E5A F . 9.44 48.44 -11.51
C56 E5A F . 8.22 49.08 -11.45
C58 E5A F . 7.13 48.46 -10.86
C60 E5A F . 7.26 47.19 -10.31
C62 E5A F . 10.63 49.12 -12.15
C64 E5A F . 11.51 49.74 -11.12
C68 E5A F . 11.43 48.15 -13.02
C7 E5A F . 10.23 47.04 -5.49
C73 E5A F . 5.58 46.47 -3.81
C77 E5A F . 7.93 47.88 -1.89
C9 E5A F . 11.55 47.36 -4.75
N1 E5A F . 7.43 46.54 -2.15
N47 E5A F . 9.63 45.06 -8.69
N5 E5A F . 9.25 46.50 -4.55
O22 E5A F . 12.10 47.33 0.01
O39 E5A F . 6.85 44.48 -1.49
O42 E5A F . 11.59 46.53 -7.43
O72 E5A F . 7.54 47.72 -5.33
#